data_8Z4V
#
_entry.id   8Z4V
#
_cell.length_a   1.00
_cell.length_b   1.00
_cell.length_c   1.00
_cell.angle_alpha   90.00
_cell.angle_beta   90.00
_cell.angle_gamma   90.00
#
_symmetry.space_group_name_H-M   'P 1'
#
loop_
_entity.id
_entity.type
_entity.pdbx_description
1 polymer 'Light-harvesting protein B:800-850 subunit beta'
2 polymer 'Light-harvesting protein B-800/850 alpha chain'
3 non-polymer 'BACTERIOCHLOROPHYLL A'
4 non-polymer Anhydrorhodovibrin
5 water water
#
loop_
_entity_poly.entity_id
_entity_poly.type
_entity_poly.pdbx_seq_one_letter_code
_entity_poly.pdbx_strand_id
1 'polypeptide(L)' MYDNSISGLTEEQAKEFHEQFKTTFTVFMVLAAAAHFLVFLWRPFY A,D,G,J,M,P,S,V
2 'polypeptide(L)' MSEYRPSKPSNPRDDWKLWLVVNPGTWLMPILMAVLVVALVVHAFVYSNDNYNPLTFDASAEVAAEEAAE C,E,H,K,N,Q,T,W
#
# COMPACT_ATOMS: atom_id res chain seq x y z
N ASN A 4 -12.69 -26.55 -14.78
CA ASN A 4 -12.28 -25.27 -15.43
C ASN A 4 -12.82 -24.06 -14.64
N SER A 5 -12.90 -24.18 -13.32
CA SER A 5 -13.43 -23.13 -12.41
C SER A 5 -12.53 -21.89 -12.51
N ILE A 6 -13.13 -20.72 -12.32
CA ILE A 6 -12.41 -19.42 -12.23
C ILE A 6 -11.33 -19.51 -11.15
N SER A 7 -11.64 -20.02 -9.95
CA SER A 7 -10.68 -20.11 -8.81
C SER A 7 -9.61 -21.16 -9.10
N GLY A 8 -9.94 -22.21 -9.83
CA GLY A 8 -9.09 -23.39 -10.00
C GLY A 8 -9.45 -24.49 -9.03
N LEU A 9 -10.35 -24.23 -8.07
CA LEU A 9 -10.75 -25.28 -7.09
C LEU A 9 -11.68 -26.28 -7.75
N THR A 10 -11.63 -27.53 -7.32
CA THR A 10 -12.67 -28.52 -7.65
C THR A 10 -13.92 -28.20 -6.84
N GLU A 11 -15.07 -28.71 -7.26
CA GLU A 11 -16.33 -28.67 -6.49
C GLU A 11 -16.06 -29.22 -5.08
N GLU A 12 -15.38 -30.36 -5.00
CA GLU A 12 -15.14 -31.02 -3.69
C GLU A 12 -14.32 -30.09 -2.80
N GLN A 13 -13.28 -29.47 -3.34
CA GLN A 13 -12.44 -28.54 -2.56
C GLN A 13 -13.30 -27.36 -2.09
N ALA A 14 -14.12 -26.80 -2.97
CA ALA A 14 -14.93 -25.60 -2.63
C ALA A 14 -15.88 -25.96 -1.49
N LYS A 15 -16.51 -27.13 -1.58
CA LYS A 15 -17.50 -27.57 -0.57
C LYS A 15 -16.81 -27.83 0.77
N GLU A 16 -15.65 -28.49 0.74
CA GLU A 16 -14.88 -28.78 1.97
C GLU A 16 -14.41 -27.45 2.57
N PHE A 17 -13.92 -26.56 1.73
CA PHE A 17 -13.46 -25.24 2.22
C PHE A 17 -14.66 -24.57 2.90
N HIS A 18 -15.80 -24.59 2.22
CA HIS A 18 -16.99 -23.83 2.68
C HIS A 18 -17.41 -24.41 4.03
N GLU A 19 -17.34 -25.73 4.18
CA GLU A 19 -17.80 -26.38 5.42
C GLU A 19 -16.98 -25.86 6.62
N GLN A 20 -15.66 -25.75 6.47
CA GLN A 20 -14.80 -25.26 7.56
C GLN A 20 -15.08 -23.77 7.77
N PHE A 21 -15.21 -23.02 6.67
CA PHE A 21 -15.45 -21.56 6.74
C PHE A 21 -16.69 -21.35 7.61
N LYS A 22 -17.77 -22.05 7.29
CA LYS A 22 -19.05 -21.89 8.01
C LYS A 22 -18.86 -22.20 9.50
N THR A 23 -18.13 -23.25 9.82
CA THR A 23 -17.90 -23.68 11.22
C THR A 23 -17.19 -22.54 11.95
N THR A 24 -16.09 -22.06 11.40
CA THR A 24 -15.25 -21.02 12.04
C THR A 24 -16.04 -19.72 12.13
N PHE A 25 -16.72 -19.35 11.04
CA PHE A 25 -17.53 -18.12 11.00
C PHE A 25 -18.56 -18.20 12.13
N THR A 26 -19.25 -19.32 12.24
CA THR A 26 -20.30 -19.51 13.26
C THR A 26 -19.71 -19.26 14.67
N VAL A 27 -18.55 -19.84 14.95
CA VAL A 27 -17.94 -19.69 16.30
C VAL A 27 -17.54 -18.23 16.50
N PHE A 28 -16.96 -17.59 15.48
CA PHE A 28 -16.60 -16.16 15.55
C PHE A 28 -17.86 -15.36 15.93
N MET A 29 -18.98 -15.61 15.25
CA MET A 29 -20.21 -14.83 15.47
C MET A 29 -20.74 -15.09 16.88
N VAL A 30 -20.70 -16.32 17.34
CA VAL A 30 -21.19 -16.67 18.71
C VAL A 30 -20.33 -15.89 19.70
N LEU A 31 -19.02 -15.89 19.52
CA LEU A 31 -18.10 -15.19 20.45
C LEU A 31 -18.40 -13.70 20.40
N ALA A 32 -18.56 -13.14 19.20
CA ALA A 32 -18.88 -11.69 19.02
C ALA A 32 -20.19 -11.37 19.75
N ALA A 33 -21.21 -12.22 19.63
CA ALA A 33 -22.51 -12.02 20.29
C ALA A 33 -22.30 -12.00 21.82
N ALA A 34 -21.52 -12.94 22.34
CA ALA A 34 -21.20 -13.00 23.79
C ALA A 34 -20.51 -11.69 24.18
N ALA A 35 -19.56 -11.22 23.36
CA ALA A 35 -18.78 -10.01 23.65
C ALA A 35 -19.75 -8.83 23.77
N HIS A 36 -20.72 -8.73 22.85
CA HIS A 36 -21.69 -7.61 22.81
C HIS A 36 -22.56 -7.69 24.07
N PHE A 37 -22.96 -8.88 24.46
CA PHE A 37 -23.76 -9.09 25.68
C PHE A 37 -23.00 -8.57 26.91
N LEU A 38 -21.76 -9.01 27.06
CA LEU A 38 -20.91 -8.60 28.21
C LEU A 38 -20.70 -7.09 28.18
N VAL A 39 -20.38 -6.53 27.02
CA VAL A 39 -20.07 -5.09 26.95
C VAL A 39 -21.34 -4.33 27.35
N PHE A 40 -22.51 -4.81 26.90
CA PHE A 40 -23.80 -4.17 27.25
C PHE A 40 -24.01 -4.21 28.76
N LEU A 41 -23.71 -5.34 29.41
CA LEU A 41 -23.85 -5.45 30.90
C LEU A 41 -22.89 -4.46 31.58
N TRP A 42 -21.66 -4.38 31.08
CA TRP A 42 -20.62 -3.50 31.64
C TRP A 42 -21.00 -2.04 31.40
N ARG A 43 -21.26 -1.67 30.15
CA ARG A 43 -21.61 -0.28 29.76
C ARG A 43 -22.75 -0.31 28.76
N PRO A 44 -24.02 -0.15 29.17
CA PRO A 44 -25.13 -0.12 28.22
C PRO A 44 -24.91 0.93 27.12
N PHE A 45 -25.43 0.66 25.92
CA PHE A 45 -25.37 1.63 24.79
C PHE A 45 -26.80 1.80 24.28
N TYR A 46 -27.02 2.76 23.37
CA TYR A 46 -28.37 3.26 22.99
C TYR A 46 -29.04 3.86 24.24
N GLU B 3 -29.95 -16.03 -25.88
CA GLU B 3 -28.98 -17.15 -25.80
C GLU B 3 -28.98 -17.71 -24.47
N TYR B 4 -27.86 -18.19 -23.92
CA TYR B 4 -27.79 -18.86 -22.59
C TYR B 4 -28.39 -17.93 -21.54
N ARG B 5 -29.28 -18.45 -20.70
CA ARG B 5 -29.86 -17.69 -19.57
C ARG B 5 -29.44 -18.38 -18.27
N PRO B 6 -28.80 -17.67 -17.33
CA PRO B 6 -28.43 -18.30 -16.05
C PRO B 6 -29.67 -18.58 -15.18
N SER B 7 -29.71 -19.72 -14.51
CA SER B 7 -30.74 -20.05 -13.48
C SER B 7 -30.55 -19.15 -12.26
N LYS B 8 -31.64 -18.80 -11.58
CA LYS B 8 -31.57 -18.02 -10.31
C LYS B 8 -30.85 -18.85 -9.26
N PRO B 9 -29.76 -18.35 -8.63
CA PRO B 9 -29.10 -19.08 -7.55
C PRO B 9 -29.99 -19.17 -6.30
N SER B 10 -29.79 -20.19 -5.49
CA SER B 10 -30.47 -20.33 -4.18
C SER B 10 -29.42 -20.18 -3.08
N ASN B 11 -29.57 -19.16 -2.24
CA ASN B 11 -28.66 -18.88 -1.12
C ASN B 11 -29.41 -19.10 0.19
N PRO B 12 -28.78 -19.71 1.23
CA PRO B 12 -27.37 -20.07 1.23
C PRO B 12 -26.93 -21.40 0.60
N ARG B 13 -27.82 -22.15 -0.03
CA ARG B 13 -27.47 -23.47 -0.62
C ARG B 13 -26.26 -23.36 -1.58
N ASP B 14 -26.23 -22.35 -2.45
CA ASP B 14 -25.21 -22.19 -3.52
C ASP B 14 -24.00 -21.38 -3.03
N ASP B 15 -23.93 -21.04 -1.75
CA ASP B 15 -22.87 -20.13 -1.23
C ASP B 15 -21.48 -20.71 -1.45
N TRP B 16 -21.33 -22.02 -1.36
CA TRP B 16 -20.02 -22.71 -1.53
C TRP B 16 -19.40 -22.35 -2.89
N LYS B 17 -20.23 -21.97 -3.88
CA LYS B 17 -19.75 -21.60 -5.23
C LYS B 17 -18.91 -20.32 -5.22
N LEU B 18 -18.95 -19.53 -4.14
CA LEU B 18 -17.99 -18.44 -3.95
C LEU B 18 -16.57 -18.95 -4.18
N TRP B 19 -16.25 -20.14 -3.67
CA TRP B 19 -14.85 -20.64 -3.70
C TRP B 19 -14.52 -21.20 -5.09
N LEU B 20 -15.50 -21.37 -5.96
CA LEU B 20 -15.25 -21.63 -7.40
C LEU B 20 -14.81 -20.34 -8.10
N VAL B 21 -15.03 -19.17 -7.51
CA VAL B 21 -14.60 -17.87 -8.10
C VAL B 21 -13.36 -17.40 -7.36
N VAL B 22 -13.46 -17.36 -6.04
CA VAL B 22 -12.43 -16.76 -5.16
C VAL B 22 -11.55 -17.89 -4.68
N ASN B 23 -10.26 -17.88 -5.01
CA ASN B 23 -9.34 -18.93 -4.55
C ASN B 23 -8.95 -18.58 -3.12
N PRO B 24 -9.33 -19.41 -2.12
CA PRO B 24 -9.04 -19.09 -0.72
C PRO B 24 -7.53 -19.16 -0.43
N GLY B 25 -6.77 -19.89 -1.26
CA GLY B 25 -5.30 -19.88 -1.21
C GLY B 25 -4.78 -18.46 -1.32
N THR B 26 -5.38 -17.66 -2.19
CA THR B 26 -4.99 -16.25 -2.39
C THR B 26 -5.72 -15.36 -1.39
N TRP B 27 -7.01 -15.62 -1.16
CA TRP B 27 -7.89 -14.58 -0.57
C TRP B 27 -8.26 -14.83 0.89
N LEU B 28 -8.06 -16.03 1.44
CA LEU B 28 -8.52 -16.22 2.83
C LEU B 28 -7.77 -15.23 3.75
N MET B 29 -6.45 -15.15 3.67
CA MET B 29 -5.71 -14.29 4.63
C MET B 29 -6.10 -12.82 4.42
N PRO B 30 -6.16 -12.29 3.18
CA PRO B 30 -6.68 -10.95 2.96
C PRO B 30 -8.09 -10.75 3.54
N ILE B 31 -8.98 -11.72 3.39
CA ILE B 31 -10.34 -11.62 3.98
C ILE B 31 -10.20 -11.44 5.50
N LEU B 32 -9.41 -12.29 6.15
CA LEU B 32 -9.27 -12.24 7.62
C LEU B 32 -8.59 -10.94 8.04
N MET B 33 -7.62 -10.47 7.26
CA MET B 33 -6.94 -9.18 7.55
C MET B 33 -7.96 -8.05 7.41
N ALA B 34 -8.82 -8.10 6.39
CA ALA B 34 -9.87 -7.07 6.18
C ALA B 34 -10.76 -7.03 7.42
N VAL B 35 -11.16 -8.19 7.92
CA VAL B 35 -12.07 -8.27 9.09
C VAL B 35 -11.33 -7.72 10.32
N LEU B 36 -10.03 -8.03 10.46
CA LEU B 36 -9.18 -7.50 11.55
C LEU B 36 -9.17 -5.97 11.49
N VAL B 37 -8.99 -5.41 10.29
CA VAL B 37 -8.96 -3.94 10.08
C VAL B 37 -10.29 -3.36 10.58
N VAL B 38 -11.40 -3.99 10.22
CA VAL B 38 -12.74 -3.53 10.69
C VAL B 38 -12.74 -3.53 12.23
N ALA B 39 -12.32 -4.63 12.85
CA ALA B 39 -12.30 -4.74 14.33
C ALA B 39 -11.43 -3.62 14.92
N LEU B 40 -10.27 -3.33 14.32
CA LEU B 40 -9.37 -2.26 14.81
C LEU B 40 -10.09 -0.91 14.71
N VAL B 41 -10.72 -0.65 13.57
CA VAL B 41 -11.40 0.65 13.33
C VAL B 41 -12.57 0.78 14.30
N VAL B 42 -13.35 -0.28 14.49
CA VAL B 42 -14.51 -0.23 15.43
C VAL B 42 -13.96 0.05 16.83
N HIS B 43 -12.95 -0.70 17.26
CA HIS B 43 -12.28 -0.47 18.55
C HIS B 43 -11.81 0.98 18.64
N ALA B 44 -11.21 1.53 17.58
CA ALA B 44 -10.66 2.91 17.63
C ALA B 44 -11.79 3.87 18.00
N PHE B 45 -12.95 3.75 17.35
CA PHE B 45 -14.10 4.65 17.60
C PHE B 45 -14.61 4.44 19.03
N VAL B 46 -14.88 3.20 19.40
CA VAL B 46 -15.52 2.90 20.71
C VAL B 46 -14.52 3.19 21.83
N TYR B 47 -13.26 2.77 21.66
CA TYR B 47 -12.22 2.92 22.72
C TYR B 47 -12.01 4.40 23.00
N SER B 48 -12.10 5.23 21.95
CA SER B 48 -11.87 6.69 22.05
C SER B 48 -12.86 7.29 23.05
N ASN B 49 -14.07 6.75 23.17
CA ASN B 49 -14.99 7.18 24.24
C ASN B 49 -14.45 6.68 25.58
N ASP B 50 -14.17 7.58 26.52
CA ASP B 50 -13.55 7.24 27.84
C ASP B 50 -14.50 6.31 28.62
N ASN B 51 -15.81 6.45 28.42
CA ASN B 51 -16.83 5.64 29.11
C ASN B 51 -16.72 4.16 28.71
N TYR B 52 -16.25 3.86 27.51
CA TYR B 52 -16.26 2.48 26.95
C TYR B 52 -14.87 1.87 26.95
N ASN B 53 -13.91 2.43 27.70
CA ASN B 53 -12.58 1.76 27.68
C ASN B 53 -12.20 1.36 29.10
N PRO B 54 -11.43 0.27 29.27
CA PRO B 54 -11.05 -0.20 30.61
C PRO B 54 -10.02 0.66 31.34
N LEU B 55 -9.37 1.60 30.67
CA LEU B 55 -8.26 2.38 31.27
C LEU B 55 -8.88 3.32 32.31
N THR B 56 -8.78 2.96 33.59
CA THR B 56 -9.53 3.64 34.67
C THR B 56 -8.56 4.27 35.67
N PHE B 57 -7.29 3.89 35.64
CA PHE B 57 -6.29 4.34 36.65
C PHE B 57 -6.12 5.86 36.57
N ASN C 4 -11.93 -15.91 -26.26
CA ASN C 4 -10.74 -15.00 -26.22
C ASN C 4 -11.07 -13.71 -25.44
N SER C 5 -11.91 -13.81 -24.41
CA SER C 5 -12.36 -12.66 -23.59
C SER C 5 -11.15 -12.06 -22.87
N ILE C 6 -11.21 -10.76 -22.63
CA ILE C 6 -10.19 -10.01 -21.84
C ILE C 6 -10.05 -10.67 -20.45
N SER C 7 -11.14 -10.98 -19.76
CA SER C 7 -11.12 -11.59 -18.40
C SER C 7 -10.62 -13.02 -18.45
N GLY C 8 -10.89 -13.73 -19.54
CA GLY C 8 -10.66 -15.17 -19.64
C GLY C 8 -11.92 -15.96 -19.33
N LEU C 9 -13.00 -15.31 -18.88
CA LEU C 9 -14.26 -16.03 -18.56
C LEU C 9 -14.98 -16.40 -19.85
N THR C 10 -15.70 -17.51 -19.84
CA THR C 10 -16.68 -17.82 -20.91
C THR C 10 -17.89 -16.92 -20.72
N GLU C 11 -18.69 -16.77 -21.76
CA GLU C 11 -20.02 -16.11 -21.69
C GLU C 11 -20.83 -16.76 -20.56
N GLU C 12 -20.86 -18.09 -20.51
CA GLU C 12 -21.68 -18.83 -19.51
C GLU C 12 -21.20 -18.47 -18.12
N GLN C 13 -19.89 -18.45 -17.89
CA GLN C 13 -19.33 -18.10 -16.57
C GLN C 13 -19.73 -16.66 -16.22
N ALA C 14 -19.60 -15.73 -17.16
CA ALA C 14 -19.89 -14.30 -16.90
C ALA C 14 -21.35 -14.15 -16.50
N LYS C 15 -22.24 -14.83 -17.22
CA LYS C 15 -23.70 -14.73 -16.98
C LYS C 15 -24.04 -15.35 -15.62
N GLU C 16 -23.47 -16.51 -15.30
CA GLU C 16 -23.70 -17.18 -14.01
C GLU C 16 -23.16 -16.29 -12.90
N PHE C 17 -21.96 -15.75 -13.09
CA PHE C 17 -21.37 -14.88 -12.07
C PHE C 17 -22.32 -13.70 -11.86
N HIS C 18 -22.78 -13.11 -12.96
CA HIS C 18 -23.59 -11.87 -12.90
C HIS C 18 -24.88 -12.19 -12.15
N GLU C 19 -25.45 -13.36 -12.38
CA GLU C 19 -26.75 -13.72 -11.77
C GLU C 19 -26.60 -13.73 -10.24
N GLN C 20 -25.52 -14.31 -9.72
CA GLN C 20 -25.30 -14.34 -8.25
C GLN C 20 -25.00 -12.94 -7.76
N PHE C 21 -24.18 -12.19 -8.51
CA PHE C 21 -23.80 -10.83 -8.12
C PHE C 21 -25.08 -10.03 -7.91
N LYS C 22 -25.97 -10.07 -8.89
CA LYS C 22 -27.23 -9.30 -8.84
C LYS C 22 -28.05 -9.70 -7.60
N THR C 23 -28.14 -10.99 -7.32
CA THR C 23 -28.91 -11.51 -6.17
C THR C 23 -28.34 -10.92 -4.89
N THR C 24 -27.04 -11.06 -4.69
CA THR C 24 -26.37 -10.61 -3.46
C THR C 24 -26.45 -9.09 -3.35
N PHE C 25 -26.19 -8.40 -4.45
CA PHE C 25 -26.24 -6.92 -4.49
C PHE C 25 -27.64 -6.50 -4.06
N THR C 26 -28.67 -7.12 -4.62
CA THR C 26 -30.07 -6.76 -4.32
C THR C 26 -30.32 -6.89 -2.81
N VAL C 27 -29.88 -7.99 -2.21
CA VAL C 27 -30.12 -8.21 -0.76
C VAL C 27 -29.34 -7.16 0.04
N PHE C 28 -28.10 -6.88 -0.35
CA PHE C 28 -27.28 -5.84 0.32
C PHE C 28 -28.07 -4.52 0.30
N MET C 29 -28.61 -4.14 -0.87
CA MET C 29 -29.30 -2.86 -1.02
C MET C 29 -30.57 -2.84 -0.18
N VAL C 30 -31.30 -3.94 -0.15
CA VAL C 30 -32.55 -4.02 0.65
C VAL C 30 -32.17 -3.82 2.12
N LEU C 31 -31.12 -4.49 2.58
CA LEU C 31 -30.69 -4.38 3.99
C LEU C 31 -30.26 -2.94 4.27
N ALA C 32 -29.48 -2.34 3.36
CA ALA C 32 -29.02 -0.94 3.50
C ALA C 32 -30.23 -0.01 3.59
N ALA C 33 -31.25 -0.21 2.76
CA ALA C 33 -32.48 0.60 2.77
C ALA C 33 -33.16 0.47 4.13
N ALA C 34 -33.28 -0.75 4.65
CA ALA C 34 -33.87 -1.00 5.99
C ALA C 34 -33.05 -0.25 7.04
N ALA C 35 -31.72 -0.31 6.94
CA ALA C 35 -30.82 0.33 7.91
C ALA C 35 -31.10 1.84 7.91
N HIS C 36 -31.24 2.44 6.73
CA HIS C 36 -31.47 3.90 6.58
C HIS C 36 -32.82 4.25 7.20
N PHE C 37 -33.82 3.41 6.98
CA PHE C 37 -35.17 3.61 7.55
C PHE C 37 -35.08 3.64 9.09
N LEU C 38 -34.46 2.61 9.66
CA LEU C 38 -34.31 2.50 11.14
C LEU C 38 -33.51 3.70 11.67
N VAL C 39 -32.41 4.05 11.02
CA VAL C 39 -31.55 5.13 11.54
C VAL C 39 -32.38 6.41 11.50
N PHE C 40 -33.18 6.61 10.45
CA PHE C 40 -34.03 7.82 10.33
C PHE C 40 -35.04 7.84 11.48
N LEU C 41 -35.66 6.70 11.83
CA LEU C 41 -36.62 6.64 12.96
C LEU C 41 -35.90 6.98 14.26
N TRP C 42 -34.71 6.44 14.45
CA TRP C 42 -33.90 6.64 15.67
C TRP C 42 -33.43 8.10 15.74
N ARG C 43 -32.78 8.58 14.69
CA ARG C 43 -32.24 9.96 14.63
C ARG C 43 -32.53 10.54 13.26
N PRO C 44 -33.60 11.34 13.05
CA PRO C 44 -33.86 11.95 11.75
C PRO C 44 -32.66 12.76 11.26
N PHE C 45 -32.49 12.83 9.94
CA PHE C 45 -31.43 13.66 9.32
C PHE C 45 -32.11 14.56 8.28
N TYR C 46 -31.37 15.51 7.72
CA TYR C 46 -31.92 16.65 6.92
C TYR C 46 -32.85 17.48 7.83
N GLU D 3 -12.86 1.85 -38.89
CA GLU D 3 -13.51 0.91 -39.84
C GLU D 3 -14.68 0.25 -39.20
N TYR D 4 -14.38 -0.75 -38.36
CA TYR D 4 -15.33 -1.39 -37.43
C TYR D 4 -15.97 -0.31 -36.55
N ARG D 5 -17.29 -0.33 -36.42
CA ARG D 5 -18.03 0.59 -35.53
C ARG D 5 -18.73 -0.25 -34.47
N PRO D 6 -18.50 0.01 -33.15
CA PRO D 6 -19.20 -0.75 -32.12
C PRO D 6 -20.69 -0.38 -32.05
N SER D 7 -21.57 -1.37 -31.86
CA SER D 7 -23.01 -1.15 -31.58
C SER D 7 -23.18 -0.50 -30.20
N LYS D 8 -24.20 0.34 -30.04
CA LYS D 8 -24.54 0.94 -28.72
C LYS D 8 -24.95 -0.17 -27.76
N PRO D 9 -24.30 -0.32 -26.58
CA PRO D 9 -24.72 -1.32 -25.60
C PRO D 9 -26.09 -0.98 -25.00
N SER D 10 -26.82 -1.98 -24.53
CA SER D 10 -28.10 -1.79 -23.81
C SER D 10 -27.89 -2.23 -22.36
N ASN D 11 -28.03 -1.29 -21.42
CA ASN D 11 -27.88 -1.55 -19.98
C ASN D 11 -29.24 -1.40 -19.30
N PRO D 12 -29.62 -2.27 -18.34
CA PRO D 12 -28.73 -3.30 -17.79
C PRO D 12 -28.62 -4.64 -18.52
N ARG D 13 -29.23 -4.82 -19.67
CA ARG D 13 -29.19 -6.12 -20.40
C ARG D 13 -27.74 -6.61 -20.61
N ASP D 14 -26.81 -5.74 -21.01
CA ASP D 14 -25.42 -6.09 -21.38
C ASP D 14 -24.49 -6.03 -20.16
N ASP D 15 -25.00 -5.81 -18.96
CA ASP D 15 -24.15 -5.58 -17.76
C ASP D 15 -23.26 -6.78 -17.48
N TRP D 16 -23.74 -7.99 -17.73
CA TRP D 16 -22.98 -9.24 -17.47
C TRP D 16 -21.63 -9.21 -18.20
N LYS D 17 -21.53 -8.44 -19.30
CA LYS D 17 -20.28 -8.32 -20.08
C LYS D 17 -19.15 -7.65 -19.30
N LEU D 18 -19.45 -6.99 -18.18
CA LEU D 18 -18.41 -6.54 -17.25
C LEU D 18 -17.47 -7.70 -16.93
N TRP D 19 -18.01 -8.90 -16.72
CA TRP D 19 -17.19 -10.05 -16.24
C TRP D 19 -16.41 -10.67 -17.41
N LEU D 20 -16.71 -10.28 -18.65
CA LEU D 20 -15.83 -10.59 -19.80
C LEU D 20 -14.60 -9.69 -19.79
N VAL D 21 -14.60 -8.58 -19.05
CA VAL D 21 -13.44 -7.67 -18.94
C VAL D 21 -12.75 -7.92 -17.61
N VAL D 22 -13.54 -7.88 -16.55
CA VAL D 22 -13.03 -7.90 -15.16
C VAL D 22 -13.13 -9.34 -14.69
N ASN D 23 -12.01 -9.98 -14.37
CA ASN D 23 -12.02 -11.37 -13.88
C ASN D 23 -12.40 -11.31 -12.40
N PRO D 24 -13.56 -11.85 -11.98
CA PRO D 24 -14.00 -11.76 -10.60
C PRO D 24 -13.11 -12.60 -9.67
N GLY D 25 -12.39 -13.60 -10.23
CA GLY D 25 -11.35 -14.34 -9.50
C GLY D 25 -10.34 -13.38 -8.92
N THR D 26 -9.96 -12.37 -9.68
CA THR D 26 -8.98 -11.35 -9.24
C THR D 26 -9.70 -10.24 -8.48
N TRP D 27 -10.86 -9.81 -8.96
CA TRP D 27 -11.40 -8.48 -8.57
C TRP D 27 -12.57 -8.55 -7.60
N LEU D 28 -13.23 -9.69 -7.41
CA LEU D 28 -14.41 -9.66 -6.52
C LEU D 28 -13.98 -9.22 -5.12
N MET D 29 -12.93 -9.82 -4.54
CA MET D 29 -12.58 -9.49 -3.14
C MET D 29 -12.15 -8.02 -3.05
N PRO D 30 -11.29 -7.50 -3.95
CA PRO D 30 -10.98 -6.08 -3.96
C PRO D 30 -12.23 -5.20 -4.07
N ILE D 31 -13.20 -5.58 -4.91
CA ILE D 31 -14.47 -4.81 -5.02
C ILE D 31 -15.13 -4.77 -3.63
N LEU D 32 -15.27 -5.92 -2.99
CA LEU D 32 -15.97 -6.00 -1.69
C LEU D 32 -15.17 -5.24 -0.63
N MET D 33 -13.84 -5.30 -0.68
CA MET D 33 -13.00 -4.56 0.27
C MET D 33 -13.17 -3.05 0.02
N ALA D 34 -13.27 -2.63 -1.24
CA ALA D 34 -13.47 -1.21 -1.59
C ALA D 34 -14.80 -0.75 -0.97
N VAL D 35 -15.84 -1.56 -1.09
CA VAL D 35 -17.17 -1.21 -0.55
C VAL D 35 -17.09 -1.14 0.98
N LEU D 36 -16.36 -2.06 1.60
CA LEU D 36 -16.14 -2.07 3.07
C LEU D 36 -15.46 -0.77 3.48
N VAL D 37 -14.43 -0.34 2.73
CA VAL D 37 -13.69 0.91 3.03
C VAL D 37 -14.69 2.07 3.00
N VAL D 38 -15.56 2.11 2.00
CA VAL D 38 -16.60 3.18 1.90
C VAL D 38 -17.44 3.13 3.18
N ALA D 39 -17.94 1.95 3.57
CA ALA D 39 -18.79 1.81 4.77
C ALA D 39 -18.03 2.31 6.01
N LEU D 40 -16.74 1.99 6.12
CA LEU D 40 -15.91 2.43 7.27
C LEU D 40 -15.83 3.96 7.28
N VAL D 41 -15.55 4.54 6.11
CA VAL D 41 -15.37 6.01 5.99
C VAL D 41 -16.70 6.69 6.29
N VAL D 42 -17.80 6.18 5.75
CA VAL D 42 -19.14 6.78 6.02
C VAL D 42 -19.41 6.71 7.52
N HIS D 43 -19.22 5.53 8.12
CA HIS D 43 -19.36 5.36 9.58
C HIS D 43 -18.47 6.35 10.32
N ALA D 44 -17.22 6.55 9.88
CA ALA D 44 -16.29 7.45 10.59
C ALA D 44 -16.91 8.85 10.67
N PHE D 45 -17.43 9.35 9.55
CA PHE D 45 -18.04 10.70 9.50
C PHE D 45 -19.29 10.75 10.38
N VAL D 46 -20.20 9.81 10.19
CA VAL D 46 -21.51 9.84 10.89
C VAL D 46 -21.28 9.56 12.38
N TYR D 47 -20.46 8.55 12.69
CA TYR D 47 -20.23 8.12 14.10
C TYR D 47 -19.62 9.27 14.88
N SER D 48 -18.77 10.06 14.22
CA SER D 48 -18.06 11.19 14.85
C SER D 48 -19.07 12.19 15.41
N ASN D 49 -20.23 12.34 14.78
CA ASN D 49 -21.32 13.16 15.37
C ASN D 49 -21.88 12.40 16.59
N ASP D 50 -21.82 13.01 17.77
CA ASP D 50 -22.26 12.37 19.05
C ASP D 50 -23.75 12.02 18.99
N ASN D 51 -24.53 12.82 18.26
CA ASN D 51 -25.99 12.62 18.11
C ASN D 51 -26.30 11.31 17.37
N TYR D 52 -25.41 10.84 16.51
CA TYR D 52 -25.69 9.69 15.61
C TYR D 52 -24.92 8.45 16.08
N ASN D 53 -24.41 8.42 17.31
CA ASN D 53 -23.72 7.17 17.71
C ASN D 53 -24.40 6.59 18.95
N PRO D 54 -24.38 5.25 19.12
CA PRO D 54 -25.04 4.62 20.26
C PRO D 54 -24.35 4.82 21.61
N LEU D 55 -23.11 5.30 21.64
CA LEU D 55 -22.33 5.39 22.90
C LEU D 55 -22.97 6.48 23.76
N THR D 56 -23.75 6.09 24.76
CA THR D 56 -24.61 7.03 25.51
C THR D 56 -24.21 7.04 26.99
N PHE D 57 -23.43 6.07 27.44
CA PHE D 57 -23.08 5.92 28.88
C PHE D 57 -22.28 7.14 29.35
N ASN E 4 -0.63 -6.85 -32.20
CA ASN E 4 0.58 -6.68 -31.34
C ASN E 4 0.45 -5.42 -30.47
N SER E 5 -0.77 -5.11 -30.03
CA SER E 5 -1.08 -3.91 -29.21
C SER E 5 -0.35 -4.03 -27.87
N ILE E 6 0.02 -2.89 -27.30
CA ILE E 6 0.61 -2.78 -25.94
C ILE E 6 -0.31 -3.46 -24.92
N SER E 7 -1.63 -3.19 -24.95
CA SER E 7 -2.62 -3.76 -23.99
C SER E 7 -2.81 -5.25 -24.23
N GLY E 8 -2.70 -5.69 -25.48
CA GLY E 8 -3.07 -7.04 -25.90
C GLY E 8 -4.48 -7.09 -26.46
N LEU E 9 -5.24 -5.99 -26.38
CA LEU E 9 -6.63 -5.97 -26.93
C LEU E 9 -6.58 -5.89 -28.45
N THR E 10 -7.56 -6.47 -29.12
CA THR E 10 -7.80 -6.21 -30.55
C THR E 10 -8.43 -4.83 -30.68
N GLU E 11 -8.37 -4.25 -31.87
CA GLU E 11 -9.09 -3.01 -32.23
C GLU E 11 -10.57 -3.18 -31.87
N GLU E 12 -11.16 -4.31 -32.25
CA GLU E 12 -12.61 -4.55 -32.02
C GLU E 12 -12.89 -4.53 -30.52
N GLN E 13 -12.06 -5.19 -29.73
CA GLN E 13 -12.25 -5.21 -28.26
C GLN E 13 -12.14 -3.79 -27.72
N ALA E 14 -11.14 -3.02 -28.16
CA ALA E 14 -10.90 -1.66 -27.64
C ALA E 14 -12.13 -0.79 -27.94
N LYS E 15 -12.65 -0.90 -29.16
CA LYS E 15 -13.80 -0.08 -29.60
C LYS E 15 -15.05 -0.47 -28.82
N GLU E 16 -15.28 -1.77 -28.64
CA GLU E 16 -16.46 -2.26 -27.89
C GLU E 16 -16.31 -1.81 -26.43
N PHE E 17 -15.11 -1.95 -25.88
CA PHE E 17 -14.88 -1.53 -24.49
C PHE E 17 -15.21 -0.04 -24.39
N HIS E 18 -14.69 0.73 -25.35
CA HIS E 18 -14.80 2.21 -25.30
C HIS E 18 -16.28 2.57 -25.37
N GLU E 19 -17.04 1.86 -26.19
CA GLU E 19 -18.47 2.20 -26.38
C GLU E 19 -19.22 2.08 -25.05
N GLN E 20 -18.96 1.01 -24.28
CA GLN E 20 -19.64 0.83 -22.98
C GLN E 20 -19.11 1.87 -22.00
N PHE E 21 -17.80 2.11 -22.01
CA PHE E 21 -17.16 3.08 -21.09
C PHE E 21 -17.88 4.42 -21.28
N LYS E 22 -18.00 4.86 -22.52
CA LYS E 22 -18.63 6.16 -22.83
C LYS E 22 -20.07 6.21 -22.30
N THR E 23 -20.82 5.13 -22.50
CA THR E 23 -22.23 5.05 -22.07
C THR E 23 -22.28 5.23 -20.55
N THR E 24 -21.50 4.45 -19.82
CA THR E 24 -21.52 4.44 -18.34
C THR E 24 -21.01 5.79 -17.84
N PHE E 25 -19.92 6.29 -18.42
CA PHE E 25 -19.34 7.58 -18.03
C PHE E 25 -20.41 8.65 -18.19
N THR E 26 -21.09 8.66 -19.33
CA THR E 26 -22.14 9.67 -19.62
C THR E 26 -23.21 9.65 -18.52
N VAL E 27 -23.68 8.46 -18.15
CA VAL E 27 -24.75 8.35 -17.12
C VAL E 27 -24.19 8.83 -15.77
N PHE E 28 -22.96 8.45 -15.43
CA PHE E 28 -22.31 8.91 -14.19
C PHE E 28 -22.32 10.45 -14.18
N MET E 29 -21.91 11.08 -15.28
CA MET E 29 -21.80 12.54 -15.34
C MET E 29 -23.18 13.18 -15.22
N VAL E 30 -24.18 12.61 -15.87
CA VAL E 30 -25.56 13.16 -15.81
C VAL E 30 -26.01 13.10 -14.35
N LEU E 31 -25.78 11.97 -13.69
CA LEU E 31 -26.21 11.80 -12.27
C LEU E 31 -25.46 12.81 -11.42
N ALA E 32 -24.14 12.95 -11.62
CA ALA E 32 -23.32 13.92 -10.86
C ALA E 32 -23.86 15.33 -11.07
N ALA E 33 -24.22 15.70 -12.30
CA ALA E 33 -24.78 17.03 -12.62
C ALA E 33 -26.09 17.23 -11.83
N ALA E 34 -26.96 16.22 -11.83
CA ALA E 34 -28.23 16.27 -11.07
C ALA E 34 -27.90 16.48 -9.58
N ALA E 35 -26.91 15.75 -9.07
CA ALA E 35 -26.53 15.81 -7.65
C ALA E 35 -26.12 17.24 -7.32
N HIS E 36 -25.32 17.87 -8.19
CA HIS E 36 -24.80 19.24 -7.97
C HIS E 36 -25.98 20.22 -7.98
N PHE E 37 -26.92 20.02 -8.88
CA PHE E 37 -28.13 20.85 -8.97
C PHE E 37 -28.91 20.79 -7.65
N LEU E 38 -29.19 19.57 -7.18
CA LEU E 38 -29.95 19.37 -5.93
C LEU E 38 -29.18 19.97 -4.75
N VAL E 39 -27.88 19.73 -4.67
CA VAL E 39 -27.10 20.20 -3.51
C VAL E 39 -27.15 21.73 -3.53
N PHE E 40 -27.06 22.33 -4.72
CA PHE E 40 -27.12 23.81 -4.85
C PHE E 40 -28.48 24.32 -4.36
N LEU E 41 -29.58 23.64 -4.71
CA LEU E 41 -30.94 24.04 -4.23
C LEU E 41 -30.99 23.93 -2.70
N TRP E 42 -30.46 22.85 -2.16
CA TRP E 42 -30.46 22.58 -0.71
C TRP E 42 -29.57 23.60 0.01
N ARG E 43 -28.31 23.71 -0.42
CA ARG E 43 -27.32 24.62 0.20
C ARG E 43 -26.53 25.31 -0.90
N PRO E 44 -26.87 26.54 -1.32
CA PRO E 44 -26.09 27.24 -2.34
C PRO E 44 -24.61 27.34 -1.94
N PHE E 45 -23.72 27.34 -2.94
CA PHE E 45 -22.26 27.53 -2.71
C PHE E 45 -21.82 28.68 -3.62
N TYR E 46 -20.58 29.14 -3.45
CA TYR E 46 -20.06 30.42 -4.03
C TYR E 46 -20.90 31.57 -3.45
N GLU F 3 13.21 10.17 -39.31
CA GLU F 3 12.64 8.82 -39.52
C GLU F 3 11.23 8.83 -39.35
N TYR F 4 10.57 7.79 -38.82
CA TYR F 4 9.09 7.70 -38.68
C TYR F 4 8.59 8.93 -37.93
N ARG F 5 7.55 9.58 -38.43
CA ARG F 5 6.90 10.72 -37.75
C ARG F 5 5.46 10.32 -37.45
N PRO F 6 5.00 10.39 -36.18
CA PRO F 6 3.61 10.06 -35.87
C PRO F 6 2.65 11.14 -36.40
N SER F 7 1.51 10.73 -36.94
CA SER F 7 0.39 11.65 -37.32
C SER F 7 -0.23 12.25 -36.06
N LYS F 8 -0.72 13.49 -36.14
CA LYS F 8 -1.44 14.14 -35.02
C LYS F 8 -2.72 13.36 -34.74
N PRO F 9 -2.97 12.88 -33.50
CA PRO F 9 -4.23 12.20 -33.18
C PRO F 9 -5.41 13.19 -33.22
N SER F 10 -6.60 12.68 -33.47
CA SER F 10 -7.85 13.48 -33.40
C SER F 10 -8.69 12.96 -32.24
N ASN F 11 -8.93 13.80 -31.24
CA ASN F 11 -9.73 13.47 -30.05
C ASN F 11 -11.02 14.28 -30.07
N PRO F 12 -12.18 13.69 -29.71
CA PRO F 12 -12.28 12.34 -29.16
C PRO F 12 -12.35 11.14 -30.11
N ARG F 13 -12.21 11.34 -31.41
CA ARG F 13 -12.32 10.23 -32.40
C ARG F 13 -11.36 9.07 -32.04
N ASP F 14 -10.10 9.35 -31.68
CA ASP F 14 -9.04 8.35 -31.45
C ASP F 14 -9.01 7.89 -29.98
N ASP F 15 -9.96 8.31 -29.15
CA ASP F 15 -9.91 8.04 -27.69
C ASP F 15 -9.93 6.54 -27.40
N TRP F 16 -10.63 5.76 -28.21
CA TRP F 16 -10.74 4.28 -28.01
C TRP F 16 -9.35 3.64 -27.99
N LYS F 17 -8.35 4.28 -28.62
CA LYS F 17 -6.96 3.77 -28.66
C LYS F 17 -6.30 3.74 -27.28
N LEU F 18 -6.87 4.44 -26.29
CA LEU F 18 -6.45 4.27 -24.89
C LEU F 18 -6.42 2.78 -24.54
N TRP F 19 -7.43 2.02 -24.98
CA TRP F 19 -7.56 0.60 -24.55
C TRP F 19 -6.61 -0.29 -25.35
N LEU F 20 -5.98 0.22 -26.40
CA LEU F 20 -4.83 -0.46 -27.04
C LEU F 20 -3.58 -0.31 -26.19
N VAL F 21 -3.53 0.61 -25.23
CA VAL F 21 -2.37 0.80 -24.33
C VAL F 21 -2.72 0.20 -22.98
N VAL F 22 -3.85 0.61 -22.45
CA VAL F 22 -4.28 0.29 -21.06
C VAL F 22 -5.20 -0.91 -21.15
N ASN F 23 -4.83 -2.04 -20.56
CA ASN F 23 -5.69 -3.24 -20.57
C ASN F 23 -6.75 -3.04 -19.50
N PRO F 24 -8.05 -2.92 -19.87
CA PRO F 24 -9.10 -2.66 -18.89
C PRO F 24 -9.30 -3.87 -17.95
N GLY F 25 -8.89 -5.07 -18.40
CA GLY F 25 -8.85 -6.25 -17.53
C GLY F 25 -8.04 -5.97 -16.28
N THR F 26 -6.92 -5.27 -16.42
CA THR F 26 -6.04 -4.90 -15.30
C THR F 26 -6.53 -3.61 -14.67
N TRP F 27 -6.92 -2.63 -15.48
CA TRP F 27 -6.99 -1.23 -14.99
C TRP F 27 -8.41 -0.71 -14.76
N LEU F 28 -9.45 -1.36 -15.26
CA LEU F 28 -10.79 -0.76 -15.06
C LEU F 28 -11.07 -0.64 -13.55
N MET F 29 -10.88 -1.70 -12.77
CA MET F 29 -11.27 -1.64 -11.34
C MET F 29 -10.41 -0.60 -10.62
N PRO F 30 -9.06 -0.57 -10.81
CA PRO F 30 -8.25 0.50 -10.24
C PRO F 30 -8.73 1.89 -10.66
N ILE F 31 -9.12 2.09 -11.92
CA ILE F 31 -9.66 3.40 -12.36
C ILE F 31 -10.90 3.73 -11.50
N LEU F 32 -11.83 2.80 -11.39
CA LEU F 32 -13.08 3.05 -10.65
C LEU F 32 -12.77 3.27 -9.16
N MET F 33 -11.82 2.54 -8.61
CA MET F 33 -11.42 2.72 -7.20
C MET F 33 -10.80 4.10 -7.03
N ALA F 34 -9.98 4.55 -8.00
CA ALA F 34 -9.36 5.89 -7.96
C ALA F 34 -10.47 6.94 -7.90
N VAL F 35 -11.49 6.78 -8.74
CA VAL F 35 -12.61 7.76 -8.81
C VAL F 35 -13.37 7.73 -7.47
N LEU F 36 -13.57 6.54 -6.90
CA LEU F 36 -14.22 6.37 -5.58
C LEU F 36 -13.42 7.14 -4.53
N VAL F 37 -12.10 7.00 -4.54
CA VAL F 37 -11.20 7.69 -3.57
C VAL F 37 -11.43 9.20 -3.71
N VAL F 38 -11.48 9.71 -4.93
CA VAL F 38 -11.74 11.15 -5.17
C VAL F 38 -13.09 11.51 -4.51
N ALA F 39 -14.14 10.75 -4.78
CA ALA F 39 -15.48 11.02 -4.22
C ALA F 39 -15.41 11.03 -2.68
N LEU F 40 -14.69 10.09 -2.09
CA LEU F 40 -14.54 10.02 -0.61
C LEU F 40 -13.85 11.29 -0.11
N VAL F 41 -12.76 11.67 -0.77
CA VAL F 41 -11.95 12.85 -0.34
C VAL F 41 -12.81 14.10 -0.50
N VAL F 42 -13.53 14.24 -1.61
CA VAL F 42 -14.38 15.44 -1.83
C VAL F 42 -15.44 15.47 -0.73
N HIS F 43 -16.12 14.34 -0.50
CA HIS F 43 -17.12 14.22 0.59
C HIS F 43 -16.46 14.61 1.92
N ALA F 44 -15.23 14.15 2.20
CA ALA F 44 -14.58 14.43 3.50
C ALA F 44 -14.50 15.94 3.69
N PHE F 45 -14.05 16.68 2.68
CA PHE F 45 -13.90 18.15 2.76
C PHE F 45 -15.28 18.79 2.93
N VAL F 46 -16.22 18.46 2.06
CA VAL F 46 -17.54 19.14 2.05
C VAL F 46 -18.32 18.74 3.30
N TYR F 47 -18.31 17.44 3.64
CA TYR F 47 -19.10 16.92 4.78
C TYR F 47 -18.62 17.57 6.07
N SER F 48 -17.31 17.84 6.16
CA SER F 48 -16.68 18.43 7.36
C SER F 48 -17.32 19.79 7.65
N ASN F 49 -17.75 20.52 6.63
CA ASN F 49 -18.53 21.77 6.87
C ASN F 49 -19.91 21.37 7.39
N ASP F 50 -20.27 21.84 8.59
CA ASP F 50 -21.57 21.46 9.25
C ASP F 50 -22.74 21.94 8.40
N ASN F 51 -22.58 23.04 7.67
CA ASN F 51 -23.63 23.62 6.81
C ASN F 51 -23.99 22.66 5.66
N TYR F 52 -23.06 21.84 5.20
CA TYR F 52 -23.24 21.01 3.99
C TYR F 52 -23.45 19.55 4.35
N ASN F 53 -23.78 19.21 5.60
CA ASN F 53 -24.02 17.78 5.88
C ASN F 53 -25.43 17.60 6.42
N PRO F 54 -26.07 16.43 6.16
CA PRO F 54 -27.44 16.20 6.62
C PRO F 54 -27.61 15.97 8.12
N LEU F 55 -26.53 15.76 8.86
CA LEU F 55 -26.62 15.40 10.30
C LEU F 55 -27.11 16.64 11.05
N THR F 56 -28.39 16.68 11.40
CA THR F 56 -29.05 17.90 11.91
C THR F 56 -29.56 17.67 13.33
N PHE F 57 -29.65 16.42 13.78
CA PHE F 57 -30.26 16.07 15.09
C PHE F 57 -29.44 16.70 16.22
N ASN G 4 14.59 -4.66 -29.16
CA ASN G 4 15.06 -5.16 -27.83
C ASN G 4 14.99 -4.02 -26.78
N SER G 5 13.99 -3.15 -26.89
CA SER G 5 13.80 -1.99 -25.98
C SER G 5 13.53 -2.50 -24.56
N ILE G 6 13.95 -1.72 -23.57
CA ILE G 6 13.68 -1.98 -22.13
C ILE G 6 12.16 -2.12 -21.93
N SER G 7 11.34 -1.21 -22.47
CA SER G 7 9.86 -1.23 -22.31
C SER G 7 9.23 -2.39 -23.06
N GLY G 8 9.84 -2.80 -24.17
CA GLY G 8 9.24 -3.76 -25.10
C GLY G 8 8.51 -3.06 -26.24
N LEU G 9 8.38 -1.73 -26.20
CA LEU G 9 7.68 -0.99 -27.29
C LEU G 9 8.60 -0.90 -28.50
N THR G 10 8.00 -0.89 -29.70
CA THR G 10 8.73 -0.50 -30.93
C THR G 10 8.93 1.02 -30.90
N GLU G 11 9.87 1.51 -31.69
CA GLU G 11 10.05 2.96 -31.95
C GLU G 11 8.71 3.55 -32.39
N GLU G 12 8.03 2.90 -33.32
CA GLU G 12 6.75 3.42 -33.88
C GLU G 12 5.73 3.55 -32.76
N GLN G 13 5.62 2.53 -31.91
CA GLN G 13 4.66 2.56 -30.77
C GLN G 13 5.03 3.72 -29.85
N ALA G 14 6.30 3.88 -29.52
CA ALA G 14 6.75 4.92 -28.56
C ALA G 14 6.39 6.29 -29.12
N LYS G 15 6.65 6.50 -30.41
CA LYS G 15 6.40 7.81 -31.06
C LYS G 15 4.90 8.08 -31.11
N GLU G 16 4.10 7.09 -31.47
CA GLU G 16 2.62 7.24 -31.53
C GLU G 16 2.11 7.51 -30.12
N PHE G 17 2.61 6.76 -29.14
CA PHE G 17 2.18 6.97 -27.75
C PHE G 17 2.52 8.42 -27.37
N HIS G 18 3.73 8.84 -27.69
CA HIS G 18 4.23 10.17 -27.25
C HIS G 18 3.35 11.23 -27.88
N GLU G 19 2.96 11.05 -29.14
CA GLU G 19 2.18 12.06 -29.87
C GLU G 19 0.85 12.30 -29.13
N GLN G 20 0.16 11.24 -28.71
CA GLN G 20 -1.12 11.39 -27.99
C GLN G 20 -0.85 11.98 -26.61
N PHE G 21 0.21 11.52 -25.94
CA PHE G 21 0.55 12.01 -24.59
C PHE G 21 0.68 13.52 -24.67
N LYS G 22 1.47 14.00 -25.62
CA LYS G 22 1.73 15.45 -25.78
C LYS G 22 0.41 16.21 -25.99
N THR G 23 -0.46 15.67 -26.83
CA THR G 23 -1.76 16.31 -27.16
C THR G 23 -2.57 16.45 -25.87
N THR G 24 -2.74 15.36 -25.14
CA THR G 24 -3.56 15.33 -23.92
C THR G 24 -2.91 16.21 -22.85
N PHE G 25 -1.61 16.09 -22.68
CA PHE G 25 -0.87 16.89 -21.69
C PHE G 25 -1.11 18.37 -22.00
N THR G 26 -0.98 18.76 -23.27
CA THR G 26 -1.15 20.17 -23.68
C THR G 26 -2.54 20.66 -23.26
N VAL G 27 -3.57 19.87 -23.54
CA VAL G 27 -4.96 20.30 -23.21
C VAL G 27 -5.11 20.39 -21.69
N PHE G 28 -4.57 19.42 -20.95
CA PHE G 28 -4.60 19.45 -19.47
C PHE G 28 -3.99 20.77 -19.00
N MET G 29 -2.81 21.14 -19.53
CA MET G 29 -2.09 22.34 -19.09
C MET G 29 -2.89 23.59 -19.44
N VAL G 30 -3.49 23.63 -20.61
CA VAL G 30 -4.30 24.80 -21.04
C VAL G 30 -5.46 24.94 -20.05
N LEU G 31 -6.13 23.84 -19.73
CA LEU G 31 -7.29 23.87 -18.81
C LEU G 31 -6.81 24.33 -17.44
N ALA G 32 -5.68 23.78 -16.96
CA ALA G 32 -5.11 24.17 -15.65
C ALA G 32 -4.80 25.67 -15.65
N ALA G 33 -4.23 26.21 -16.72
CA ALA G 33 -3.91 27.64 -16.84
C ALA G 33 -5.20 28.46 -16.74
N ALA G 34 -6.25 28.04 -17.45
CA ALA G 34 -7.57 28.71 -17.39
C ALA G 34 -8.08 28.67 -15.94
N ALA G 35 -7.94 27.53 -15.27
CA ALA G 35 -8.45 27.35 -13.90
C ALA G 35 -7.73 28.36 -13.00
N HIS G 36 -6.41 28.52 -13.16
CA HIS G 36 -5.59 29.42 -12.32
C HIS G 36 -6.04 30.86 -12.58
N PHE G 37 -6.31 31.20 -13.83
CA PHE G 37 -6.78 32.54 -14.21
C PHE G 37 -8.11 32.84 -13.49
N LEU G 38 -9.06 31.94 -13.61
CA LEU G 38 -10.40 32.10 -12.97
C LEU G 38 -10.24 32.20 -11.46
N VAL G 39 -9.45 31.32 -10.87
CA VAL G 39 -9.33 31.30 -9.39
C VAL G 39 -8.72 32.64 -8.98
N PHE G 40 -7.75 33.15 -9.73
CA PHE G 40 -7.11 34.44 -9.43
C PHE G 40 -8.16 35.56 -9.49
N LEU G 41 -9.05 35.56 -10.49
CA LEU G 41 -10.12 36.59 -10.61
C LEU G 41 -11.05 36.48 -9.40
N TRP G 42 -11.41 35.26 -9.02
CA TRP G 42 -12.34 34.98 -7.90
C TRP G 42 -11.67 35.37 -6.58
N ARG G 43 -10.48 34.84 -6.32
CA ARG G 43 -9.73 35.10 -5.06
C ARG G 43 -8.27 35.32 -5.40
N PRO G 44 -7.76 36.56 -5.54
CA PRO G 44 -6.34 36.79 -5.80
C PRO G 44 -5.46 36.11 -4.76
N PHE G 45 -4.26 35.70 -5.17
CA PHE G 45 -3.26 35.10 -4.25
C PHE G 45 -1.96 35.89 -4.45
N TYR G 46 -0.96 35.64 -3.60
CA TYR G 46 0.25 36.50 -3.45
C TYR G 46 -0.19 37.90 -3.01
N GLU H 3 34.16 2.34 -22.55
CA GLU H 3 34.50 2.16 -23.99
C GLU H 3 33.56 2.94 -24.85
N TYR H 4 32.36 2.37 -25.02
CA TYR H 4 31.18 3.04 -25.62
C TYR H 4 30.91 4.33 -24.84
N ARG H 5 30.71 5.44 -25.56
CA ARG H 5 30.33 6.73 -24.95
C ARG H 5 28.96 7.12 -25.48
N PRO H 6 27.95 7.37 -24.61
CA PRO H 6 26.64 7.80 -25.10
C PRO H 6 26.68 9.23 -25.67
N SER H 7 25.99 9.49 -26.78
CA SER H 7 25.77 10.85 -27.32
C SER H 7 24.87 11.65 -26.37
N LYS H 8 25.07 12.97 -26.29
CA LYS H 8 24.19 13.87 -25.50
C LYS H 8 22.80 13.85 -26.10
N PRO H 9 21.74 13.52 -25.34
CA PRO H 9 20.36 13.58 -25.87
C PRO H 9 19.93 15.02 -26.14
N SER H 10 19.00 15.21 -27.07
CA SER H 10 18.39 16.53 -27.35
C SER H 10 16.92 16.47 -26.92
N ASN H 11 16.55 17.29 -25.96
CA ASN H 11 15.17 17.38 -25.43
C ASN H 11 14.58 18.73 -25.81
N PRO H 12 13.29 18.82 -26.22
CA PRO H 12 12.37 17.69 -26.21
C PRO H 12 12.36 16.73 -27.41
N ARG H 13 13.25 16.86 -28.37
CA ARG H 13 13.26 15.98 -29.57
C ARG H 13 13.28 14.49 -29.18
N ASP H 14 14.11 14.08 -28.21
CA ASP H 14 14.33 12.67 -27.83
C ASP H 14 13.36 12.23 -26.74
N ASP H 15 12.38 13.04 -26.36
CA ASP H 15 11.50 12.74 -25.20
C ASP H 15 10.71 11.46 -25.43
N TRP H 16 10.32 11.16 -26.65
CA TRP H 16 9.54 9.95 -26.99
C TRP H 16 10.26 8.69 -26.51
N LYS H 17 11.59 8.74 -26.39
CA LYS H 17 12.41 7.59 -25.93
C LYS H 17 12.11 7.20 -24.48
N LEU H 18 11.44 8.05 -23.71
CA LEU H 18 10.89 7.65 -22.40
C LEU H 18 10.11 6.35 -22.55
N TRP H 19 9.31 6.22 -23.61
CA TRP H 19 8.39 5.06 -23.75
C TRP H 19 9.15 3.83 -24.25
N LEU H 20 10.40 3.98 -24.67
CA LEU H 20 11.31 2.83 -24.88
C LEU H 20 11.80 2.29 -23.54
N VAL H 21 11.69 3.04 -22.44
CA VAL H 21 12.10 2.58 -21.10
C VAL H 21 10.86 2.20 -20.32
N VAL H 22 9.90 3.12 -20.28
CA VAL H 22 8.71 3.02 -19.42
C VAL H 22 7.60 2.46 -20.29
N ASN H 23 7.06 1.29 -19.96
CA ASN H 23 5.97 0.69 -20.74
C ASN H 23 4.68 1.38 -20.28
N PRO H 24 3.99 2.15 -21.15
CA PRO H 24 2.80 2.89 -20.75
C PRO H 24 1.64 1.94 -20.44
N GLY H 25 1.68 0.70 -20.97
CA GLY H 25 0.74 -0.36 -20.59
C GLY H 25 0.76 -0.57 -19.09
N THR H 26 1.93 -0.53 -18.48
CA THR H 26 2.09 -0.70 -17.03
C THR H 26 1.92 0.64 -16.33
N TRP H 27 2.49 1.71 -16.89
CA TRP H 27 2.76 2.93 -16.09
C TRP H 27 1.81 4.09 -16.40
N LEU H 28 1.06 4.08 -17.50
CA LEU H 28 0.23 5.28 -17.77
C LEU H 28 -0.76 5.48 -16.61
N MET H 29 -1.49 4.45 -16.19
CA MET H 29 -2.54 4.66 -15.17
C MET H 29 -1.88 5.10 -13.85
N PRO H 30 -0.79 4.44 -13.38
CA PRO H 30 -0.08 4.92 -12.20
C PRO H 30 0.37 6.38 -12.34
N ILE H 31 0.87 6.78 -13.52
CA ILE H 31 1.26 8.20 -13.74
C ILE H 31 0.04 9.09 -13.50
N LEU H 32 -1.09 8.76 -14.12
CA LEU H 32 -2.30 9.60 -14.01
C LEU H 32 -2.82 9.59 -12.57
N MET H 33 -2.73 8.46 -11.89
CA MET H 33 -3.15 8.37 -10.47
C MET H 33 -2.21 9.24 -9.62
N ALA H 34 -0.92 9.23 -9.92
CA ALA H 34 0.07 10.06 -9.17
C ALA H 34 -0.33 11.54 -9.34
N VAL H 35 -0.67 11.94 -10.55
CA VAL H 35 -1.05 13.35 -10.83
C VAL H 35 -2.35 13.68 -10.09
N LEU H 36 -3.29 12.74 -10.06
CA LEU H 36 -4.57 12.90 -9.32
C LEU H 36 -4.26 13.12 -7.84
N VAL H 37 -3.34 12.32 -7.27
CA VAL H 37 -2.95 12.43 -5.84
C VAL H 37 -2.43 13.85 -5.61
N VAL H 38 -1.58 14.34 -6.50
CA VAL H 38 -1.03 15.73 -6.38
C VAL H 38 -2.22 16.70 -6.35
N ALA H 39 -3.15 16.59 -7.29
CA ALA H 39 -4.32 17.50 -7.37
C ALA H 39 -5.12 17.42 -6.05
N LEU H 40 -5.31 16.22 -5.50
CA LEU H 40 -6.05 16.05 -4.22
C LEU H 40 -5.31 16.77 -3.10
N VAL H 41 -3.99 16.57 -3.03
CA VAL H 41 -3.17 17.15 -1.94
C VAL H 41 -3.18 18.67 -2.09
N VAL H 42 -3.01 19.19 -3.31
CA VAL H 42 -3.03 20.66 -3.53
C VAL H 42 -4.39 21.20 -3.10
N HIS H 43 -5.47 20.58 -3.56
CA HIS H 43 -6.84 20.95 -3.14
C HIS H 43 -6.96 20.90 -1.62
N ALA H 44 -6.40 19.88 -0.96
CA ALA H 44 -6.55 19.75 0.51
C ALA H 44 -5.97 21.00 1.17
N PHE H 45 -4.78 21.43 0.76
CA PHE H 45 -4.11 22.61 1.34
C PHE H 45 -4.93 23.87 1.04
N VAL H 46 -5.26 24.09 -0.22
CA VAL H 46 -5.94 25.34 -0.64
C VAL H 46 -7.36 25.36 -0.08
N TYR H 47 -8.07 24.24 -0.19
CA TYR H 47 -9.50 24.16 0.23
C TYR H 47 -9.59 24.44 1.73
N SER H 48 -8.59 24.00 2.48
CA SER H 48 -8.55 24.15 3.95
C SER H 48 -8.61 25.63 4.32
N ASN H 49 -8.06 26.51 3.50
CA ASN H 49 -8.24 27.97 3.71
C ASN H 49 -9.69 28.33 3.37
N ASP H 50 -10.43 28.87 4.34
CA ASP H 50 -11.89 29.20 4.18
C ASP H 50 -12.07 30.22 3.06
N ASN H 51 -11.09 31.11 2.88
CA ASN H 51 -11.14 32.17 1.84
C ASN H 51 -11.15 31.57 0.43
N TYR H 52 -10.57 30.39 0.23
CA TYR H 52 -10.36 29.81 -1.12
C TYR H 52 -11.32 28.65 -1.35
N ASN H 53 -12.38 28.50 -0.57
CA ASN H 53 -13.30 27.38 -0.89
C ASN H 53 -14.70 27.93 -1.15
N PRO H 54 -15.49 27.26 -2.00
CA PRO H 54 -16.83 27.75 -2.35
C PRO H 54 -17.89 27.61 -1.23
N LEU H 55 -17.60 26.87 -0.18
CA LEU H 55 -18.62 26.55 0.86
C LEU H 55 -18.93 27.84 1.64
N THR H 56 -20.02 28.51 1.30
CA THR H 56 -20.29 29.89 1.78
C THR H 56 -21.55 29.92 2.65
N PHE H 57 -22.36 28.86 2.64
CA PHE H 57 -23.67 28.83 3.34
C PHE H 57 -23.43 28.95 4.85
N ASN I 4 24.78 -10.64 -18.89
CA ASN I 4 24.19 -11.35 -17.71
C ASN I 4 24.02 -10.38 -16.53
N SER I 5 23.72 -9.11 -16.82
CA SER I 5 23.56 -8.04 -15.80
C SER I 5 22.37 -8.38 -14.90
N ILE I 6 22.46 -7.96 -13.65
CA ILE I 6 21.34 -8.07 -12.66
C ILE I 6 20.08 -7.42 -13.23
N SER I 7 20.16 -6.21 -13.79
CA SER I 7 19.00 -5.47 -14.33
C SER I 7 18.48 -6.13 -15.61
N GLY I 8 19.36 -6.75 -16.39
CA GLY I 8 19.05 -7.25 -17.73
C GLY I 8 19.44 -6.25 -18.80
N LEU I 9 19.87 -5.03 -18.42
CA LEU I 9 20.28 -4.01 -19.43
C LEU I 9 21.64 -4.37 -19.99
N THR I 10 21.89 -4.03 -21.25
CA THR I 10 23.25 -4.03 -21.81
C THR I 10 24.01 -2.82 -21.25
N GLU I 11 25.33 -2.86 -21.32
CA GLU I 11 26.20 -1.70 -21.01
C GLU I 11 25.72 -0.49 -21.81
N GLU I 12 25.47 -0.68 -23.10
CA GLU I 12 25.08 0.43 -24.00
C GLU I 12 23.77 1.03 -23.51
N GLN I 13 22.80 0.20 -23.16
CA GLN I 13 21.49 0.69 -22.66
C GLN I 13 21.72 1.46 -21.36
N ALA I 14 22.53 0.94 -20.44
CA ALA I 14 22.74 1.57 -19.12
C ALA I 14 23.36 2.95 -19.34
N LYS I 15 24.34 3.04 -20.23
CA LYS I 15 25.06 4.30 -20.49
C LYS I 15 24.13 5.31 -21.15
N GLU I 16 23.32 4.87 -22.12
CA GLU I 16 22.36 5.76 -22.81
C GLU I 16 21.32 6.21 -21.79
N PHE I 17 20.83 5.29 -20.97
CA PHE I 17 19.83 5.65 -19.95
C PHE I 17 20.46 6.71 -19.05
N HIS I 18 21.70 6.46 -18.62
CA HIS I 18 22.35 7.34 -17.61
C HIS I 18 22.51 8.72 -18.23
N GLU I 19 22.84 8.78 -19.51
CA GLU I 19 23.10 10.09 -20.17
C GLU I 19 21.83 10.95 -20.11
N GLN I 20 20.66 10.37 -20.39
CA GLN I 20 19.39 11.14 -20.35
C GLN I 20 19.07 11.47 -18.90
N PHE I 21 19.27 10.52 -17.99
CA PHE I 21 18.97 10.72 -16.56
C PHE I 21 19.74 11.96 -16.10
N LYS I 22 21.04 11.99 -16.38
CA LYS I 22 21.90 13.11 -15.96
C LYS I 22 21.38 14.45 -16.51
N THR I 23 20.99 14.46 -17.78
CA THR I 23 20.50 15.68 -18.46
C THR I 23 19.26 16.16 -17.72
N THR I 24 18.29 15.29 -17.52
CA THR I 24 17.00 15.65 -16.89
C THR I 24 17.24 16.06 -15.44
N PHE I 25 18.04 15.28 -14.73
CA PHE I 25 18.35 15.56 -13.32
C PHE I 25 18.95 16.97 -13.24
N THR I 26 19.91 17.26 -14.11
CA THR I 26 20.60 18.58 -14.11
C THR I 26 19.57 19.70 -14.26
N VAL I 27 18.65 19.56 -15.22
CA VAL I 27 17.64 20.62 -15.45
C VAL I 27 16.72 20.73 -14.23
N PHE I 28 16.31 19.61 -13.66
CA PHE I 28 15.48 19.60 -12.43
C PHE I 28 16.21 20.42 -11.35
N MET I 29 17.50 20.14 -11.14
CA MET I 29 18.27 20.80 -10.07
C MET I 29 18.40 22.29 -10.36
N VAL I 30 18.64 22.66 -11.60
CA VAL I 30 18.77 24.10 -11.98
C VAL I 30 17.44 24.78 -11.65
N LEU I 31 16.33 24.16 -12.03
CA LEU I 31 14.99 24.76 -11.79
C LEU I 31 14.77 24.87 -10.29
N ALA I 32 15.09 23.81 -9.53
CA ALA I 32 14.94 23.82 -8.06
C ALA I 32 15.77 24.95 -7.46
N ALA I 33 17.01 25.14 -7.92
CA ALA I 33 17.90 26.22 -7.44
C ALA I 33 17.23 27.58 -7.71
N ALA I 34 16.70 27.78 -8.92
CA ALA I 34 15.99 29.02 -9.28
C ALA I 34 14.81 29.21 -8.31
N ALA I 35 14.06 28.14 -8.05
CA ALA I 35 12.87 28.19 -7.18
C ALA I 35 13.30 28.68 -5.80
N HIS I 36 14.41 28.14 -5.27
CA HIS I 36 14.91 28.48 -3.92
C HIS I 36 15.32 29.95 -3.91
N PHE I 37 15.95 30.41 -4.97
CA PHE I 37 16.37 31.82 -5.10
C PHE I 37 15.15 32.74 -5.03
N LEU I 38 14.14 32.45 -5.85
CA LEU I 38 12.90 33.26 -5.89
C LEU I 38 12.21 33.21 -4.52
N VAL I 39 12.09 32.04 -3.92
CA VAL I 39 11.35 31.92 -2.65
C VAL I 39 12.10 32.75 -1.61
N PHE I 40 13.44 32.71 -1.64
CA PHE I 40 14.27 33.50 -0.69
C PHE I 40 14.01 35.00 -0.89
N LEU I 41 13.92 35.46 -2.14
CA LEU I 41 13.63 36.90 -2.43
C LEU I 41 12.23 37.25 -1.88
N TRP I 42 11.26 36.37 -2.11
CA TRP I 42 9.87 36.58 -1.69
C TRP I 42 9.78 36.54 -0.16
N ARG I 43 10.28 35.47 0.45
CA ARG I 43 10.23 35.27 1.92
C ARG I 43 11.57 34.72 2.38
N PRO I 44 12.52 35.54 2.87
CA PRO I 44 13.78 35.02 3.38
C PRO I 44 13.57 33.95 4.46
N PHE I 45 14.49 32.99 4.55
CA PHE I 45 14.46 31.94 5.60
C PHE I 45 15.84 31.96 6.28
N TYR I 46 15.98 31.22 7.38
CA TYR I 46 17.13 31.33 8.33
C TYR I 46 17.14 32.75 8.90
N GLU J 3 39.97 -14.84 -2.06
CA GLU J 3 39.48 -15.13 -3.42
C GLU J 3 39.26 -13.92 -4.16
N TYR J 4 38.26 -13.80 -5.04
CA TYR J 4 38.02 -12.60 -5.88
C TYR J 4 37.92 -11.37 -4.97
N ARG J 5 38.62 -10.30 -5.32
CA ARG J 5 38.54 -9.00 -4.60
C ARG J 5 38.01 -7.96 -5.57
N PRO J 6 36.90 -7.26 -5.24
CA PRO J 6 36.40 -6.21 -6.13
C PRO J 6 37.33 -4.98 -6.14
N SER J 7 37.55 -4.38 -7.31
CA SER J 7 38.26 -3.08 -7.45
C SER J 7 37.41 -1.96 -6.85
N LYS J 8 38.05 -0.93 -6.29
CA LYS J 8 37.35 0.26 -5.76
C LYS J 8 36.66 0.98 -6.92
N PRO J 9 35.33 1.22 -6.88
CA PRO J 9 34.66 1.99 -7.93
C PRO J 9 35.10 3.45 -7.92
N SER J 10 35.01 4.11 -9.06
CA SER J 10 35.26 5.56 -9.18
C SER J 10 33.95 6.26 -9.53
N ASN J 11 33.49 7.13 -8.65
CA ASN J 11 32.23 7.89 -8.83
C ASN J 11 32.57 9.37 -9.00
N PRO J 12 31.91 10.11 -9.92
CA PRO J 12 30.77 9.62 -10.69
C PRO J 12 31.02 8.82 -11.98
N ARG J 13 32.25 8.51 -12.32
CA ARG J 13 32.57 7.78 -13.58
C ARG J 13 31.75 6.48 -13.70
N ASP J 14 31.64 5.68 -12.63
CA ASP J 14 31.01 4.34 -12.64
C ASP J 14 29.51 4.43 -12.32
N ASP J 15 28.94 5.62 -12.21
CA ASP J 15 27.54 5.78 -11.75
C ASP J 15 26.56 5.08 -12.70
N TRP J 16 26.84 5.07 -13.99
CA TRP J 16 25.95 4.44 -15.01
C TRP J 16 25.70 2.96 -14.66
N LYS J 17 26.61 2.32 -13.91
CA LYS J 17 26.48 0.91 -13.49
C LYS J 17 25.29 0.68 -12.55
N LEU J 18 24.73 1.74 -11.96
CA LEU J 18 23.45 1.64 -11.25
C LEU J 18 22.43 0.93 -12.13
N TRP J 19 22.39 1.26 -13.43
CA TRP J 19 21.32 0.73 -14.32
C TRP J 19 21.64 -0.71 -14.75
N LEU J 20 22.84 -1.20 -14.47
CA LEU J 20 23.14 -2.65 -14.58
C LEU J 20 22.53 -3.40 -13.40
N VAL J 21 22.14 -2.73 -12.32
CA VAL J 21 21.51 -3.38 -11.14
C VAL J 21 20.02 -3.09 -11.18
N VAL J 22 19.69 -1.81 -11.32
CA VAL J 22 18.30 -1.31 -11.19
C VAL J 22 17.75 -1.20 -12.60
N ASN J 23 16.71 -1.94 -12.93
CA ASN J 23 16.09 -1.86 -14.27
C ASN J 23 15.20 -0.64 -14.27
N PRO J 24 15.50 0.40 -15.08
CA PRO J 24 14.72 1.63 -15.08
C PRO J 24 13.30 1.40 -15.65
N GLY J 25 13.13 0.33 -16.45
CA GLY J 25 11.80 -0.12 -16.89
C GLY J 25 10.89 -0.34 -15.70
N THR J 26 11.42 -0.93 -14.64
CA THR J 26 10.66 -1.20 -13.40
C THR J 26 10.71 0.02 -12.49
N TRP J 27 11.87 0.67 -12.37
CA TRP J 27 12.12 1.56 -11.22
C TRP J 27 12.09 3.05 -11.56
N LEU J 28 12.15 3.46 -12.82
CA LEU J 28 12.19 4.91 -13.07
C LEU J 28 10.92 5.56 -12.51
N MET J 29 9.74 5.04 -12.82
CA MET J 29 8.49 5.73 -12.38
C MET J 29 8.41 5.73 -10.85
N PRO J 30 8.67 4.59 -10.15
CA PRO J 30 8.74 4.62 -8.69
C PRO J 30 9.75 5.64 -8.16
N ILE J 31 10.92 5.76 -8.78
CA ILE J 31 11.91 6.78 -8.36
C ILE J 31 11.26 8.17 -8.45
N LEU J 32 10.65 8.48 -9.59
CA LEU J 32 10.06 9.82 -9.81
C LEU J 32 8.89 10.03 -8.86
N MET J 33 8.10 8.99 -8.59
CA MET J 33 6.97 9.09 -7.63
C MET J 33 7.54 9.34 -6.24
N ALA J 34 8.64 8.67 -5.87
CA ALA J 34 9.29 8.87 -4.55
C ALA J 34 9.69 10.34 -4.42
N VAL J 35 10.28 10.90 -5.47
CA VAL J 35 10.75 12.31 -5.45
C VAL J 35 9.53 13.23 -5.33
N LEU J 36 8.45 12.91 -6.04
CA LEU J 36 7.17 13.67 -5.96
C LEU J 36 6.67 13.67 -4.52
N VAL J 37 6.69 12.50 -3.87
CA VAL J 37 6.22 12.35 -2.46
C VAL J 37 7.06 13.29 -1.59
N VAL J 38 8.37 13.31 -1.78
CA VAL J 38 9.26 14.22 -1.01
C VAL J 38 8.79 15.66 -1.24
N ALA J 39 8.60 16.07 -2.49
CA ALA J 39 8.16 17.44 -2.82
C ALA J 39 6.83 17.75 -2.13
N LEU J 40 5.89 16.81 -2.12
CA LEU J 40 4.58 17.00 -1.46
C LEU J 40 4.79 17.21 0.04
N VAL J 41 5.62 16.36 0.65
CA VAL J 41 5.86 16.41 2.12
C VAL J 41 6.56 17.73 2.45
N VAL J 42 7.55 18.12 1.66
CA VAL J 42 8.28 19.40 1.93
C VAL J 42 7.27 20.54 1.82
N HIS J 43 6.49 20.57 0.74
CA HIS J 43 5.42 21.58 0.56
C HIS J 43 4.48 21.56 1.76
N ALA J 44 4.09 20.38 2.25
CA ALA J 44 3.12 20.30 3.37
C ALA J 44 3.69 21.06 4.57
N PHE J 45 4.95 20.83 4.91
CA PHE J 45 5.60 21.49 6.07
C PHE J 45 5.69 23.00 5.81
N VAL J 46 6.24 23.39 4.67
CA VAL J 46 6.51 24.83 4.39
C VAL J 46 5.17 25.55 4.21
N TYR J 47 4.25 24.95 3.45
CA TYR J 47 2.95 25.60 3.11
C TYR J 47 2.17 25.85 4.39
N SER J 48 2.30 24.94 5.36
CA SER J 48 1.57 25.00 6.64
C SER J 48 1.94 26.31 7.36
N ASN J 49 3.16 26.80 7.20
CA ASN J 49 3.51 28.14 7.74
C ASN J 49 2.79 29.20 6.89
N ASP J 50 1.94 30.02 7.52
CA ASP J 50 1.11 31.04 6.81
C ASP J 50 2.03 32.05 6.11
N ASN J 51 3.19 32.32 6.67
CA ASN J 51 4.18 33.28 6.12
C ASN J 51 4.70 32.81 4.74
N TYR J 52 4.75 31.50 4.50
CA TYR J 52 5.41 30.93 3.30
C TYR J 52 4.37 30.44 2.31
N ASN J 53 3.11 30.83 2.42
CA ASN J 53 2.15 30.34 1.39
C ASN J 53 1.52 31.53 0.69
N PRO J 54 1.14 31.39 -0.61
CA PRO J 54 0.56 32.50 -1.35
C PRO J 54 -0.87 32.89 -0.96
N LEU J 55 -1.56 32.08 -0.18
CA LEU J 55 -3.00 32.30 0.12
C LEU J 55 -3.13 33.54 1.01
N THR J 56 -3.44 34.69 0.43
CA THR J 56 -3.35 36.01 1.11
C THR J 56 -4.73 36.65 1.27
N PHE J 57 -5.74 36.14 0.56
CA PHE J 57 -7.08 36.76 0.53
C PHE J 57 -7.70 36.71 1.94
N ASN K 4 24.02 -21.29 -7.41
CA ASN K 4 22.63 -21.62 -6.93
C ASN K 4 22.26 -20.72 -5.72
N SER K 5 22.73 -19.47 -5.72
CA SER K 5 22.49 -18.50 -4.63
C SER K 5 20.99 -18.21 -4.54
N ILE K 6 20.53 -17.92 -3.33
CA ILE K 6 19.13 -17.48 -3.05
C ILE K 6 18.80 -16.26 -3.92
N SER K 7 19.67 -15.25 -3.98
CA SER K 7 19.44 -14.00 -4.76
C SER K 7 19.49 -14.27 -6.26
N GLY K 8 20.31 -15.24 -6.67
CA GLY K 8 20.62 -15.46 -8.09
C GLY K 8 21.91 -14.77 -8.49
N LEU K 9 22.51 -13.96 -7.62
CA LEU K 9 23.78 -13.27 -7.95
C LEU K 9 24.94 -14.25 -7.89
N THR K 10 25.95 -14.04 -8.72
CA THR K 10 27.25 -14.73 -8.56
C THR K 10 27.98 -14.10 -7.37
N GLU K 11 28.95 -14.80 -6.82
CA GLU K 11 29.89 -14.26 -5.81
C GLU K 11 30.49 -12.95 -6.34
N GLU K 12 30.95 -12.95 -7.58
CA GLU K 12 31.62 -11.76 -8.18
C GLU K 12 30.65 -10.60 -8.19
N GLN K 13 29.41 -10.83 -8.61
CA GLN K 13 28.38 -9.76 -8.65
C GLN K 13 28.15 -9.24 -7.23
N ALA K 14 28.01 -10.13 -6.26
CA ALA K 14 27.70 -9.73 -4.86
C ALA K 14 28.83 -8.85 -4.33
N LYS K 15 30.07 -9.26 -4.59
CA LYS K 15 31.26 -8.53 -4.09
C LYS K 15 31.36 -7.16 -4.77
N GLU K 16 31.14 -7.11 -6.08
CA GLU K 16 31.19 -5.83 -6.84
C GLU K 16 30.06 -4.94 -6.33
N PHE K 17 28.87 -5.51 -6.16
CA PHE K 17 27.74 -4.72 -5.66
C PHE K 17 28.12 -4.15 -4.29
N HIS K 18 28.67 -5.01 -3.44
CA HIS K 18 28.96 -4.62 -2.03
C HIS K 18 29.98 -3.50 -2.05
N GLU K 19 30.96 -3.57 -2.94
CA GLU K 19 32.04 -2.57 -2.98
C GLU K 19 31.45 -1.18 -3.26
N GLN K 20 30.52 -1.07 -4.22
CA GLN K 20 29.89 0.23 -4.53
C GLN K 20 28.99 0.64 -3.37
N PHE K 21 28.24 -0.31 -2.81
CA PHE K 21 27.32 -0.02 -1.70
C PHE K 21 28.13 0.64 -0.59
N LYS K 22 29.24 0.02 -0.21
CA LYS K 22 30.08 0.52 0.89
C LYS K 22 30.57 1.95 0.59
N THR K 23 30.99 2.19 -0.64
CA THR K 23 31.51 3.51 -1.07
C THR K 23 30.42 4.55 -0.88
N THR K 24 29.23 4.29 -1.44
CA THR K 24 28.11 5.24 -1.40
C THR K 24 27.64 5.42 0.04
N PHE K 25 27.50 4.33 0.76
CA PHE K 25 27.07 4.37 2.18
C PHE K 25 28.04 5.27 2.95
N THR K 26 29.34 5.06 2.75
CA THR K 26 30.37 5.83 3.48
C THR K 26 30.17 7.33 3.21
N VAL K 27 29.98 7.70 1.95
CA VAL K 27 29.82 9.14 1.60
C VAL K 27 28.53 9.67 2.23
N PHE K 28 27.44 8.89 2.17
CA PHE K 28 26.17 9.28 2.80
C PHE K 28 26.43 9.58 4.29
N MET K 29 27.13 8.68 4.98
CA MET K 29 27.37 8.82 6.43
C MET K 29 28.23 10.04 6.70
N VAL K 30 29.24 10.28 5.89
CA VAL K 30 30.14 11.45 6.08
C VAL K 30 29.28 12.71 5.93
N LEU K 31 28.43 12.76 4.91
CA LEU K 31 27.58 13.95 4.67
C LEU K 31 26.63 14.11 5.85
N ALA K 32 26.01 13.02 6.31
CA ALA K 32 25.07 13.06 7.46
C ALA K 32 25.82 13.59 8.70
N ALA K 33 27.05 13.14 8.94
CA ALA K 33 27.87 13.59 10.08
C ALA K 33 28.10 15.10 9.97
N ALA K 34 28.46 15.58 8.78
CA ALA K 34 28.66 17.03 8.52
C ALA K 34 27.35 17.77 8.83
N ALA K 35 26.22 17.22 8.38
CA ALA K 35 24.90 17.86 8.55
C ALA K 35 24.64 18.01 10.06
N HIS K 36 24.93 16.97 10.85
CA HIS K 36 24.69 16.97 12.31
C HIS K 36 25.58 18.02 12.96
N PHE K 37 26.82 18.12 12.51
CA PHE K 37 27.78 19.12 13.02
C PHE K 37 27.22 20.53 12.79
N LEU K 38 26.84 20.82 11.56
CA LEU K 38 26.29 22.15 11.19
C LEU K 38 25.02 22.43 11.99
N VAL K 39 24.12 21.46 12.08
CA VAL K 39 22.83 21.71 12.75
C VAL K 39 23.14 22.00 14.21
N PHE K 40 24.11 21.29 14.81
CA PHE K 40 24.50 21.51 16.21
C PHE K 40 25.04 22.93 16.38
N LEU K 41 25.87 23.43 15.44
CA LEU K 41 26.41 24.81 15.52
C LEU K 41 25.24 25.81 15.42
N TRP K 42 24.31 25.56 14.52
CA TRP K 42 23.14 26.44 14.28
C TRP K 42 22.21 26.41 15.50
N ARG K 43 21.79 25.22 15.91
CA ARG K 43 20.86 25.03 17.05
C ARG K 43 21.34 23.86 17.89
N PRO K 44 22.10 24.06 19.00
CA PRO K 44 22.52 22.95 19.85
C PRO K 44 21.32 22.11 20.32
N PHE K 45 21.55 20.82 20.53
CA PHE K 45 20.52 19.91 21.07
C PHE K 45 21.14 19.20 22.28
N TYR K 46 20.33 18.46 23.03
CA TYR K 46 20.68 17.94 24.39
C TYR K 46 20.95 19.14 25.31
N GLU L 3 22.72 -32.16 11.45
CA GLU L 3 23.91 -32.88 10.90
C GLU L 3 24.97 -31.90 10.55
N TYR L 4 24.78 -31.25 9.39
CA TYR L 4 25.56 -30.07 8.93
C TYR L 4 25.49 -29.00 10.02
N ARG L 5 26.64 -28.43 10.39
CA ARG L 5 26.72 -27.30 11.35
C ARG L 5 27.29 -26.10 10.61
N PRO L 6 26.60 -24.94 10.59
CA PRO L 6 27.16 -23.76 9.93
C PRO L 6 28.35 -23.17 10.73
N SER L 7 29.40 -22.74 10.04
CA SER L 7 30.53 -21.97 10.65
C SER L 7 30.04 -20.59 11.11
N LYS L 8 30.61 -20.06 12.18
CA LYS L 8 30.31 -18.69 12.65
C LYS L 8 30.75 -17.69 11.59
N PRO L 9 29.87 -16.81 11.08
CA PRO L 9 30.28 -15.78 10.12
C PRO L 9 31.20 -14.74 10.77
N SER L 10 32.05 -14.09 9.98
CA SER L 10 32.89 -12.97 10.44
C SER L 10 32.41 -11.70 9.75
N ASN L 11 31.94 -10.74 10.53
CA ASN L 11 31.45 -9.43 10.03
C ASN L 11 32.41 -8.33 10.49
N PRO L 12 32.74 -7.33 9.64
CA PRO L 12 32.14 -7.15 8.33
C PRO L 12 32.71 -7.93 7.13
N ARG L 13 33.66 -8.82 7.33
CA ARG L 13 34.29 -9.57 6.20
C ARG L 13 33.23 -10.27 5.33
N ASP L 14 32.23 -10.93 5.93
CA ASP L 14 31.22 -11.76 5.22
C ASP L 14 29.99 -10.93 4.81
N ASP L 15 30.01 -9.62 5.00
CA ASP L 15 28.81 -8.77 4.78
C ASP L 15 28.34 -8.85 3.33
N TRP L 16 29.25 -8.97 2.38
CA TRP L 16 28.92 -9.03 0.94
C TRP L 16 27.93 -10.18 0.65
N LYS L 17 27.91 -11.21 1.50
CA LYS L 17 27.00 -12.36 1.36
C LYS L 17 25.53 -11.98 1.52
N LEU L 18 25.23 -10.80 2.08
CA LEU L 18 23.87 -10.26 2.04
C LEU L 18 23.32 -10.32 0.62
N TRP L 19 24.15 -9.99 -0.38
CA TRP L 19 23.66 -9.86 -1.78
C TRP L 19 23.54 -11.24 -2.43
N LEU L 20 24.04 -12.29 -1.79
CA LEU L 20 23.72 -13.69 -2.17
C LEU L 20 22.32 -14.06 -1.71
N VAL L 21 21.72 -13.32 -0.78
CA VAL L 21 20.34 -13.58 -0.29
C VAL L 21 19.41 -12.57 -0.93
N VAL L 22 19.77 -11.30 -0.81
CA VAL L 22 18.90 -10.16 -1.19
C VAL L 22 19.33 -9.75 -2.59
N ASN L 23 18.45 -9.84 -3.58
CA ASN L 23 18.79 -9.44 -4.95
C ASN L 23 18.64 -7.91 -5.00
N PRO L 24 19.74 -7.15 -5.22
CA PRO L 24 19.68 -5.70 -5.21
C PRO L 24 18.88 -5.16 -6.41
N GLY L 25 18.75 -5.97 -7.48
CA GLY L 25 17.85 -5.66 -8.60
C GLY L 25 16.45 -5.42 -8.10
N THR L 26 16.00 -6.22 -7.15
CA THR L 26 14.65 -6.10 -6.55
C THR L 26 14.69 -5.10 -5.41
N TRP L 27 15.72 -5.14 -4.57
CA TRP L 27 15.63 -4.54 -3.22
C TRP L 27 16.40 -3.23 -3.07
N LEU L 28 17.32 -2.88 -3.97
CA LEU L 28 18.08 -1.64 -3.71
C LEU L 28 17.12 -0.45 -3.64
N MET L 29 16.22 -0.29 -4.61
CA MET L 29 15.36 0.93 -4.61
C MET L 29 14.46 0.93 -3.38
N PRO L 30 13.80 -0.20 -3.02
CA PRO L 30 13.04 -0.26 -1.77
C PRO L 30 13.89 0.10 -0.55
N ILE L 31 15.14 -0.38 -0.48
CA ILE L 31 16.04 -0.02 0.65
C ILE L 31 16.19 1.51 0.68
N LEU L 32 16.51 2.11 -0.46
CA LEU L 32 16.76 3.57 -0.51
C LEU L 32 15.46 4.33 -0.20
N MET L 33 14.32 3.83 -0.65
CA MET L 33 13.03 4.47 -0.35
C MET L 33 12.75 4.35 1.15
N ALA L 34 13.08 3.21 1.76
CA ALA L 34 12.88 3.00 3.22
C ALA L 34 13.72 4.06 3.96
N VAL L 35 14.96 4.26 3.54
CA VAL L 35 15.86 5.24 4.20
C VAL L 35 15.30 6.65 4.01
N LEU L 36 14.77 6.95 2.82
CA LEU L 36 14.13 8.25 2.53
C LEU L 36 12.96 8.46 3.49
N VAL L 37 12.13 7.43 3.69
CA VAL L 37 10.96 7.50 4.59
C VAL L 37 11.46 7.86 5.99
N VAL L 38 12.53 7.21 6.44
CA VAL L 38 13.12 7.51 7.78
C VAL L 38 13.50 9.00 7.81
N ALA L 39 14.22 9.49 6.79
CA ALA L 39 14.65 10.90 6.74
C ALA L 39 13.43 11.83 6.79
N LEU L 40 12.36 11.49 6.08
CA LEU L 40 11.12 12.31 6.07
C LEU L 40 10.53 12.34 7.48
N VAL L 41 10.44 11.17 8.12
CA VAL L 41 9.82 11.05 9.46
C VAL L 41 10.68 11.82 10.46
N VAL L 42 12.00 11.66 10.40
CA VAL L 42 12.91 12.39 11.33
C VAL L 42 12.72 13.89 11.13
N HIS L 43 12.76 14.34 9.88
CA HIS L 43 12.50 15.76 9.53
C HIS L 43 11.14 16.19 10.09
N ALA L 44 10.10 15.36 9.96
CA ALA L 44 8.75 15.75 10.41
C ALA L 44 8.81 16.09 11.91
N PHE L 45 9.44 15.23 12.71
CA PHE L 45 9.54 15.44 14.17
C PHE L 45 10.37 16.69 14.46
N VAL L 46 11.55 16.78 13.89
CA VAL L 46 12.49 17.89 14.21
C VAL L 46 11.93 19.20 13.65
N TYR L 47 11.45 19.18 12.41
CA TYR L 47 10.96 20.40 11.73
C TYR L 47 9.78 20.98 12.51
N SER L 48 8.97 20.11 13.09
CA SER L 48 7.76 20.50 13.84
C SER L 48 8.15 21.40 15.01
N ASN L 49 9.33 21.21 15.59
CA ASN L 49 9.84 22.17 16.60
C ASN L 49 10.22 23.47 15.89
N ASP L 50 9.60 24.59 16.27
CA ASP L 50 9.82 25.92 15.60
C ASP L 50 11.28 26.33 15.74
N ASN L 51 11.92 25.95 16.84
CA ASN L 51 13.34 26.29 17.13
C ASN L 51 14.28 25.66 16.10
N TYR L 52 13.92 24.52 15.51
CA TYR L 52 14.82 23.73 14.65
C TYR L 52 14.42 23.86 13.18
N ASN L 53 13.60 24.84 12.80
CA ASN L 53 13.29 24.94 11.35
C ASN L 53 13.70 26.30 10.84
N PRO L 54 14.08 26.41 9.55
CA PRO L 54 14.55 27.68 8.99
C PRO L 54 13.45 28.74 8.77
N LEU L 55 12.19 28.37 8.85
CA LEU L 55 11.06 29.28 8.50
C LEU L 55 10.99 30.39 9.56
N THR L 56 11.55 31.56 9.27
CA THR L 56 11.78 32.61 10.29
C THR L 56 10.97 33.86 9.97
N PHE L 57 10.42 33.97 8.76
CA PHE L 57 9.73 35.20 8.29
C PHE L 57 8.48 35.42 9.16
N ASN M 4 12.71 -30.35 -1.46
CA ASN M 4 11.31 -29.94 -1.80
C ASN M 4 10.74 -29.02 -0.71
N SER M 5 11.59 -28.18 -0.10
CA SER M 5 11.21 -27.25 0.99
C SER M 5 10.19 -26.24 0.46
N ILE M 6 9.30 -25.79 1.34
CA ILE M 6 8.32 -24.71 1.05
C ILE M 6 9.07 -23.47 0.54
N SER M 7 10.15 -23.04 1.21
CA SER M 7 10.92 -21.83 0.84
C SER M 7 11.68 -22.04 -0.47
N GLY M 8 12.11 -23.27 -0.74
CA GLY M 8 13.03 -23.59 -1.83
C GLY M 8 14.47 -23.65 -1.36
N LEU M 9 14.75 -23.28 -0.10
CA LEU M 9 16.15 -23.32 0.41
C LEU M 9 16.54 -24.76 0.70
N THR M 10 17.81 -25.08 0.55
CA THR M 10 18.39 -26.34 1.08
C THR M 10 18.51 -26.20 2.60
N GLU M 11 18.63 -27.32 3.29
CA GLU M 11 18.96 -27.36 4.73
C GLU M 11 20.23 -26.53 4.97
N GLU M 12 21.25 -26.73 4.15
CA GLU M 12 22.55 -26.04 4.33
C GLU M 12 22.34 -24.53 4.21
N GLN M 13 21.58 -24.09 3.22
CA GLN M 13 21.30 -22.64 3.04
C GLN M 13 20.56 -22.12 4.27
N ALA M 14 19.55 -22.84 4.75
CA ALA M 14 18.71 -22.38 5.88
C ALA M 14 19.60 -22.22 7.11
N LYS M 15 20.48 -23.19 7.35
CA LYS M 15 21.36 -23.18 8.54
C LYS M 15 22.37 -22.05 8.44
N GLU M 16 22.96 -21.84 7.26
CA GLU M 16 23.94 -20.76 7.05
C GLU M 16 23.21 -19.42 7.21
N PHE M 17 22.03 -19.31 6.63
CA PHE M 17 21.26 -18.06 6.75
C PHE M 17 21.02 -17.81 8.24
N HIS M 18 20.58 -18.85 8.95
CA HIS M 18 20.16 -18.71 10.36
C HIS M 18 21.38 -18.26 11.17
N GLU M 19 22.55 -18.80 10.85
CA GLU M 19 23.77 -18.49 11.64
C GLU M 19 24.07 -16.99 11.55
N GLN M 20 23.96 -16.40 10.36
CA GLN M 20 24.23 -14.95 10.20
C GLN M 20 23.11 -14.17 10.87
N PHE M 21 21.86 -14.62 10.70
CA PHE M 21 20.69 -13.92 11.28
C PHE M 21 20.94 -13.80 12.78
N LYS M 22 21.27 -14.91 13.43
CA LYS M 22 21.48 -14.94 14.88
C LYS M 22 22.59 -13.95 15.29
N THR M 23 23.68 -13.93 14.54
CA THR M 23 24.83 -13.05 14.83
C THR M 23 24.35 -11.60 14.78
N THR M 24 23.71 -11.21 13.70
CA THR M 24 23.26 -9.82 13.49
C THR M 24 22.20 -9.46 14.53
N PHE M 25 21.24 -10.35 14.74
CA PHE M 25 20.17 -10.13 15.72
C PHE M 25 20.81 -9.88 17.08
N THR M 26 21.78 -10.72 17.46
CA THR M 26 22.43 -10.60 18.78
C THR M 26 23.06 -9.21 18.92
N VAL M 27 23.78 -8.75 17.89
CA VAL M 27 24.44 -7.42 17.97
C VAL M 27 23.38 -6.33 18.04
N PHE M 28 22.31 -6.43 17.26
CA PHE M 28 21.19 -5.47 17.31
C PHE M 28 20.68 -5.39 18.76
N MET M 29 20.43 -6.54 19.39
CA MET M 29 19.86 -6.58 20.74
C MET M 29 20.84 -5.98 21.75
N VAL M 30 22.12 -6.27 21.61
CA VAL M 30 23.15 -5.72 22.54
C VAL M 30 23.12 -4.21 22.40
N LEU M 31 23.09 -3.70 21.17
CA LEU M 31 23.10 -2.23 20.93
C LEU M 31 21.82 -1.64 21.53
N ALA M 32 20.67 -2.27 21.29
CA ALA M 32 19.37 -1.80 21.83
C ALA M 32 19.44 -1.76 23.36
N ALA M 33 20.02 -2.78 24.00
CA ALA M 33 20.16 -2.84 25.47
C ALA M 33 21.02 -1.65 25.93
N ALA M 34 22.13 -1.39 25.25
CA ALA M 34 23.02 -0.25 25.58
C ALA M 34 22.20 1.05 25.45
N ALA M 35 21.41 1.17 24.38
CA ALA M 35 20.62 2.38 24.11
C ALA M 35 19.67 2.60 25.29
N HIS M 36 19.01 1.54 25.76
CA HIS M 36 18.02 1.63 26.86
C HIS M 36 18.74 2.05 28.14
N PHE M 37 19.93 1.52 28.37
CA PHE M 37 20.74 1.87 29.54
C PHE M 37 21.06 3.38 29.53
N LEU M 38 21.57 3.86 28.40
CA LEU M 38 21.94 5.29 28.25
C LEU M 38 20.68 6.16 28.41
N VAL M 39 19.58 5.78 27.77
CA VAL M 39 18.38 6.63 27.81
C VAL M 39 17.92 6.69 29.26
N PHE M 40 17.99 5.57 29.98
CA PHE M 40 17.59 5.52 31.41
C PHE M 40 18.47 6.46 32.23
N LEU M 41 19.79 6.49 31.98
CA LEU M 41 20.72 7.40 32.70
C LEU M 41 20.34 8.86 32.39
N TRP M 42 20.05 9.14 31.12
CA TRP M 42 19.71 10.50 30.66
C TRP M 42 18.35 10.91 31.23
N ARG M 43 17.33 10.09 31.02
CA ARG M 43 15.94 10.37 31.48
C ARG M 43 15.34 9.09 32.04
N PRO M 44 15.37 8.86 33.37
CA PRO M 44 14.74 7.67 33.94
C PRO M 44 13.27 7.54 33.52
N PHE M 45 12.78 6.31 33.40
CA PHE M 45 11.35 6.04 33.10
C PHE M 45 10.84 5.08 34.17
N TYR M 46 9.53 4.83 34.21
CA TYR M 46 8.82 4.17 35.34
C TYR M 46 9.00 5.03 36.60
N GLU N 3 -3.20 -41.01 11.36
CA GLU N 3 -2.17 -41.07 10.29
C GLU N 3 -0.94 -40.46 10.72
N TYR N 4 -0.17 -39.78 9.86
CA TYR N 4 1.13 -39.15 10.21
C TYR N 4 0.93 -38.22 11.41
N ARG N 5 1.79 -38.32 12.41
CA ARG N 5 1.77 -37.42 13.58
C ARG N 5 3.10 -36.67 13.61
N PRO N 6 3.09 -35.31 13.61
CA PRO N 6 4.35 -34.56 13.68
C PRO N 6 5.01 -34.70 15.08
N SER N 7 6.33 -34.84 15.12
CA SER N 7 7.12 -34.78 16.39
C SER N 7 7.09 -33.36 16.95
N LYS N 8 7.13 -33.22 18.27
CA LYS N 8 7.21 -31.90 18.94
C LYS N 8 8.53 -31.24 18.56
N PRO N 9 8.54 -30.00 18.00
CA PRO N 9 9.79 -29.30 17.70
C PRO N 9 10.52 -28.90 18.99
N SER N 10 11.83 -28.76 18.92
CA SER N 10 12.65 -28.24 20.04
C SER N 10 13.21 -26.88 19.63
N ASN N 11 12.84 -25.84 20.36
CA ASN N 11 13.30 -24.45 20.10
C ASN N 11 14.18 -24.01 21.26
N PRO N 12 15.31 -23.30 21.02
CA PRO N 12 15.68 -22.80 19.70
C PRO N 12 16.43 -23.72 18.73
N ARG N 13 16.64 -24.98 19.06
CA ARG N 13 17.41 -25.91 18.20
C ARG N 13 16.85 -25.95 16.76
N ASP N 14 15.52 -26.02 16.59
CA ASP N 14 14.84 -26.20 15.29
C ASP N 14 14.53 -24.85 14.63
N ASP N 15 14.98 -23.73 15.19
CA ASP N 15 14.57 -22.39 14.71
C ASP N 15 15.01 -22.17 13.26
N TRP N 16 16.14 -22.71 12.86
CA TRP N 16 16.68 -22.55 11.48
C TRP N 16 15.65 -23.03 10.44
N LYS N 17 14.73 -23.93 10.83
CA LYS N 17 13.68 -24.46 9.93
C LYS N 17 12.69 -23.38 9.50
N LEU N 18 12.65 -22.23 10.18
CA LEU N 18 11.91 -21.06 9.68
C LEU N 18 12.28 -20.80 8.23
N TRP N 19 13.56 -20.91 7.88
CA TRP N 19 14.04 -20.51 6.53
C TRP N 19 13.73 -21.62 5.51
N LEU N 20 13.32 -22.80 5.96
CA LEU N 20 12.72 -23.82 5.07
C LEU N 20 11.29 -23.43 4.69
N VAL N 21 10.65 -22.51 5.41
CA VAL N 21 9.28 -22.05 5.09
C VAL N 21 9.38 -20.69 4.43
N VAL N 22 10.09 -19.78 5.08
CA VAL N 22 10.15 -18.35 4.71
C VAL N 22 11.40 -18.18 3.87
N ASN N 23 11.27 -17.78 2.61
CA ASN N 23 12.45 -17.55 1.75
C ASN N 23 13.00 -16.18 2.11
N PRO N 24 14.22 -16.08 2.67
CA PRO N 24 14.77 -14.80 3.09
C PRO N 24 15.08 -13.89 1.87
N GLY N 25 15.25 -14.50 0.69
CA GLY N 25 15.35 -13.74 -0.57
C GLY N 25 14.15 -12.83 -0.74
N THR N 26 12.96 -13.31 -0.40
CA THR N 26 11.71 -12.54 -0.49
C THR N 26 11.51 -11.73 0.78
N TRP N 27 11.78 -12.32 1.94
CA TRP N 27 11.22 -11.79 3.21
C TRP N 27 12.24 -11.07 4.10
N LEU N 28 13.54 -11.21 3.87
CA LEU N 28 14.46 -10.55 4.82
C LEU N 28 14.21 -9.03 4.79
N MET N 29 14.17 -8.40 3.62
CA MET N 29 14.05 -6.92 3.59
C MET N 29 12.70 -6.49 4.19
N PRO N 30 11.56 -7.13 3.84
CA PRO N 30 10.31 -6.83 4.51
C PRO N 30 10.39 -7.00 6.03
N ILE N 31 11.06 -8.05 6.52
CA ILE N 31 11.23 -8.23 7.98
C ILE N 31 11.96 -7.00 8.55
N LEU N 32 13.07 -6.61 7.94
CA LEU N 32 13.87 -5.48 8.45
C LEU N 32 13.08 -4.18 8.34
N MET N 33 12.30 -4.01 7.28
CA MET N 33 11.45 -2.81 7.12
C MET N 33 10.38 -2.81 8.21
N ALA N 34 9.80 -3.97 8.52
CA ALA N 34 8.77 -4.09 9.58
C ALA N 34 9.39 -3.63 10.90
N VAL N 35 10.61 -4.08 11.19
CA VAL N 35 11.30 -3.72 12.45
C VAL N 35 11.58 -2.21 12.47
N LEU N 36 11.99 -1.65 11.32
CA LEU N 36 12.21 -0.19 11.17
C LEU N 36 10.92 0.55 11.49
N VAL N 37 9.80 0.09 10.96
CA VAL N 37 8.46 0.72 11.19
C VAL N 37 8.20 0.73 12.70
N VAL N 38 8.45 -0.38 13.37
CA VAL N 38 8.27 -0.46 14.85
C VAL N 38 9.14 0.62 15.50
N ALA N 39 10.42 0.70 15.14
CA ALA N 39 11.35 1.69 15.72
C ALA N 39 10.82 3.11 15.48
N LEU N 40 10.30 3.39 14.28
CA LEU N 40 9.75 4.72 13.96
C LEU N 40 8.55 5.01 14.86
N VAL N 41 7.65 4.04 14.99
CA VAL N 41 6.40 4.21 15.79
C VAL N 41 6.79 4.40 17.25
N VAL N 42 7.73 3.60 17.77
CA VAL N 42 8.15 3.73 19.19
C VAL N 42 8.74 5.13 19.37
N HIS N 43 9.66 5.53 18.49
CA HIS N 43 10.24 6.89 18.52
C HIS N 43 9.12 7.93 18.48
N ALA N 44 8.11 7.76 17.64
CA ALA N 44 7.04 8.78 17.51
C ALA N 44 6.40 8.99 18.88
N PHE N 45 6.06 7.91 19.58
CA PHE N 45 5.40 7.99 20.91
C PHE N 45 6.36 8.65 21.91
N VAL N 46 7.57 8.13 22.01
CA VAL N 46 8.52 8.59 23.05
C VAL N 46 8.97 10.02 22.73
N TYR N 47 9.29 10.28 21.46
CA TYR N 47 9.83 11.61 21.04
C TYR N 47 8.79 12.68 21.32
N SER N 48 7.51 12.33 21.15
CA SER N 48 6.38 13.26 21.34
C SER N 48 6.40 13.81 22.77
N ASN N 49 6.84 13.03 23.74
CA ASN N 49 7.04 13.56 25.11
C ASN N 49 8.25 14.50 25.09
N ASP N 50 8.05 15.77 25.45
CA ASP N 50 9.12 16.82 25.40
C ASP N 50 10.28 16.42 26.33
N ASN N 51 9.98 15.74 27.42
CA ASN N 51 10.98 15.30 28.43
C ASN N 51 11.97 14.30 27.80
N TYR N 52 11.57 13.52 26.81
CA TYR N 52 12.37 12.41 26.26
C TYR N 52 12.95 12.77 24.91
N ASN N 53 12.97 14.03 24.51
CA ASN N 53 13.58 14.32 23.19
C ASN N 53 14.74 15.29 23.37
N PRO N 54 15.77 15.23 22.51
CA PRO N 54 16.93 16.10 22.64
C PRO N 54 16.70 17.58 22.26
N LEU N 55 15.59 17.90 21.64
CA LEU N 55 15.35 19.27 21.10
C LEU N 55 15.16 20.23 22.29
N THR N 56 16.20 20.95 22.66
CA THR N 56 16.24 21.71 23.94
C THR N 56 16.34 23.22 23.67
N PHE N 57 16.67 23.62 22.44
CA PHE N 57 16.93 25.03 22.10
C PHE N 57 15.64 25.85 22.30
N ASN O 4 -2.50 -32.53 -4.51
CA ASN O 4 -3.16 -31.46 -5.32
C ASN O 4 -3.80 -30.39 -4.39
N SER O 5 -3.17 -30.14 -3.24
CA SER O 5 -3.67 -29.17 -2.23
C SER O 5 -3.69 -27.77 -2.84
N ILE O 6 -4.63 -26.95 -2.38
CA ILE O 6 -4.74 -25.51 -2.75
C ILE O 6 -3.40 -24.81 -2.45
N SER O 7 -2.82 -25.01 -1.27
CA SER O 7 -1.54 -24.36 -0.85
C SER O 7 -0.36 -24.90 -1.65
N GLY O 8 -0.42 -26.17 -2.04
CA GLY O 8 0.72 -26.88 -2.63
C GLY O 8 1.48 -27.67 -1.58
N LEU O 9 1.14 -27.53 -0.29
CA LEU O 9 1.84 -28.30 0.77
C LEU O 9 1.37 -29.75 0.76
N THR O 10 2.25 -30.67 1.13
CA THR O 10 1.85 -32.05 1.45
C THR O 10 1.15 -32.04 2.82
N GLU O 11 0.39 -33.08 3.11
CA GLU O 11 -0.18 -33.33 4.46
C GLU O 11 0.95 -33.26 5.49
N GLU O 12 2.06 -33.94 5.22
CA GLU O 12 3.19 -34.01 6.19
C GLU O 12 3.71 -32.61 6.45
N GLN O 13 3.90 -31.81 5.41
CA GLN O 13 4.39 -30.42 5.56
C GLN O 13 3.39 -29.62 6.39
N ALA O 14 2.10 -29.74 6.11
CA ALA O 14 1.06 -28.95 6.81
C ALA O 14 1.08 -29.30 8.29
N LYS O 15 1.18 -30.59 8.60
CA LYS O 15 1.16 -31.07 10.00
C LYS O 15 2.42 -30.60 10.73
N GLU O 16 3.58 -30.70 10.09
CA GLU O 16 4.85 -30.26 10.69
C GLU O 16 4.79 -28.75 10.89
N PHE O 17 4.30 -28.02 9.89
CA PHE O 17 4.19 -26.57 10.02
C PHE O 17 3.28 -26.27 11.22
N HIS O 18 2.16 -26.96 11.29
CA HIS O 18 1.13 -26.66 12.32
C HIS O 18 1.74 -26.93 13.69
N GLU O 19 2.54 -27.97 13.81
CA GLU O 19 3.12 -28.35 15.12
C GLU O 19 4.00 -27.21 15.64
N GLN O 20 4.83 -26.62 14.78
CA GLN O 20 5.71 -25.50 15.21
C GLN O 20 4.85 -24.28 15.48
N PHE O 21 3.85 -24.02 14.62
CA PHE O 21 2.98 -22.85 14.78
C PHE O 21 2.37 -22.91 16.18
N LYS O 22 1.80 -24.05 16.53
CA LYS O 22 1.13 -24.23 17.83
C LYS O 22 2.11 -23.95 18.98
N THR O 23 3.32 -24.47 18.87
CA THR O 23 4.36 -24.31 19.91
C THR O 23 4.64 -22.83 20.10
N THR O 24 4.93 -22.12 19.01
CA THR O 24 5.30 -20.70 19.06
C THR O 24 4.11 -19.88 19.54
N PHE O 25 2.94 -20.16 18.99
CA PHE O 25 1.70 -19.45 19.37
C PHE O 25 1.51 -19.60 20.89
N THR O 26 1.65 -20.82 21.40
CA THR O 26 1.45 -21.10 22.84
C THR O 26 2.40 -20.22 23.67
N VAL O 27 3.67 -20.16 23.28
CA VAL O 27 4.66 -19.36 24.05
C VAL O 27 4.29 -17.88 23.96
N PHE O 28 3.91 -17.41 22.77
CA PHE O 28 3.48 -16.01 22.59
C PHE O 28 2.34 -15.72 23.58
N MET O 29 1.34 -16.60 23.64
CA MET O 29 0.16 -16.38 24.49
C MET O 29 0.55 -16.39 25.96
N VAL O 30 1.43 -17.29 26.35
CA VAL O 30 1.88 -17.37 27.77
C VAL O 30 2.57 -16.05 28.10
N LEU O 31 3.44 -15.57 27.22
CA LEU O 31 4.18 -14.31 27.48
C LEU O 31 3.18 -13.16 27.55
N ALA O 32 2.21 -13.11 26.63
CA ALA O 32 1.17 -12.05 26.62
C ALA O 32 0.39 -12.10 27.94
N ALA O 33 0.03 -13.28 28.43
CA ALA O 33 -0.70 -13.45 29.69
C ALA O 33 0.14 -12.88 30.84
N ALA O 34 1.43 -13.21 30.87
CA ALA O 34 2.36 -12.69 31.90
C ALA O 34 2.39 -11.15 31.81
N ALA O 35 2.45 -10.61 30.59
CA ALA O 35 2.54 -9.16 30.37
C ALA O 35 1.28 -8.51 30.96
N HIS O 36 0.10 -9.10 30.73
CA HIS O 36 -1.19 -8.56 31.21
C HIS O 36 -1.21 -8.59 32.73
N PHE O 37 -0.69 -9.67 33.32
CA PHE O 37 -0.61 -9.81 34.79
C PHE O 37 0.25 -8.67 35.37
N LEU O 38 1.45 -8.50 34.83
CA LEU O 38 2.38 -7.44 35.30
C LEU O 38 1.75 -6.07 35.12
N VAL O 39 1.15 -5.81 33.96
CA VAL O 39 0.61 -4.46 33.68
C VAL O 39 -0.51 -4.22 34.69
N PHE O 40 -1.32 -5.25 34.99
CA PHE O 40 -2.42 -5.12 35.97
C PHE O 40 -1.84 -4.78 37.35
N LEU O 41 -0.74 -5.43 37.77
CA LEU O 41 -0.10 -5.14 39.08
C LEU O 41 0.39 -3.69 39.08
N TRP O 42 1.01 -3.26 37.99
CA TRP O 42 1.59 -1.91 37.85
C TRP O 42 0.45 -0.87 37.81
N ARG O 43 -0.50 -1.05 36.91
CA ARG O 43 -1.65 -0.11 36.74
C ARG O 43 -2.92 -0.92 36.54
N PRO O 44 -3.74 -1.17 37.58
CA PRO O 44 -5.00 -1.89 37.41
C PRO O 44 -5.88 -1.23 36.34
N PHE O 45 -6.68 -2.04 35.64
CA PHE O 45 -7.65 -1.54 34.64
C PHE O 45 -9.02 -2.13 35.01
N TYR O 46 -10.08 -1.67 34.35
CA TYR O 46 -11.50 -1.91 34.76
C TYR O 46 -11.71 -1.29 36.15
N GLU P 3 -24.30 -32.65 -4.89
CA GLU P 3 -24.12 -34.12 -4.95
C GLU P 3 -23.27 -34.58 -3.80
N TYR P 4 -21.96 -34.37 -3.95
CA TYR P 4 -20.95 -34.51 -2.87
C TYR P 4 -21.38 -33.63 -1.69
N ARG P 5 -21.36 -34.19 -0.48
CA ARG P 5 -21.65 -33.45 0.77
C ARG P 5 -20.39 -33.47 1.63
N PRO P 6 -19.85 -32.30 2.05
CA PRO P 6 -18.68 -32.30 2.92
C PRO P 6 -19.02 -32.79 4.34
N SER P 7 -18.15 -33.58 4.95
CA SER P 7 -18.25 -33.98 6.39
C SER P 7 -18.01 -32.75 7.28
N LYS P 8 -18.66 -32.69 8.44
CA LYS P 8 -18.43 -31.61 9.43
C LYS P 8 -16.99 -31.71 9.93
N PRO P 9 -16.17 -30.65 9.84
CA PRO P 9 -14.81 -30.68 10.39
C PRO P 9 -14.83 -30.73 11.92
N SER P 10 -13.78 -31.29 12.52
CA SER P 10 -13.59 -31.29 13.99
C SER P 10 -12.40 -30.40 14.32
N ASN P 11 -12.64 -29.32 15.06
CA ASN P 11 -11.60 -28.36 15.48
C ASN P 11 -11.42 -28.47 17.00
N PRO P 12 -10.17 -28.42 17.53
CA PRO P 12 -8.97 -28.15 16.76
C PRO P 12 -8.27 -29.30 16.03
N ARG P 13 -8.82 -30.50 16.02
CA ARG P 13 -8.17 -31.67 15.37
C ARG P 13 -7.80 -31.37 13.90
N ASP P 14 -8.69 -30.75 13.12
CA ASP P 14 -8.53 -30.52 11.67
C ASP P 14 -7.84 -29.17 11.38
N ASP P 15 -7.37 -28.47 12.40
CA ASP P 15 -6.83 -27.09 12.21
C ASP P 15 -5.63 -27.09 11.28
N TRP P 16 -4.81 -28.12 11.30
CA TRP P 16 -3.60 -28.22 10.46
C TRP P 16 -3.96 -28.07 8.97
N LYS P 17 -5.20 -28.39 8.60
CA LYS P 17 -5.68 -28.28 7.20
C LYS P 17 -5.72 -26.83 6.70
N LEU P 18 -5.65 -25.85 7.60
CA LEU P 18 -5.43 -24.45 7.20
C LEU P 18 -4.25 -24.37 6.23
N TRP P 19 -3.17 -25.11 6.51
CA TRP P 19 -1.92 -24.97 5.73
C TRP P 19 -2.02 -25.74 4.41
N LEU P 20 -3.06 -26.56 4.23
CA LEU P 20 -3.42 -27.11 2.90
C LEU P 20 -4.08 -26.03 2.04
N VAL P 21 -4.57 -24.94 2.62
CA VAL P 21 -5.19 -23.83 1.86
C VAL P 21 -4.20 -22.69 1.77
N VAL P 22 -3.67 -22.30 2.92
CA VAL P 22 -2.83 -21.09 3.06
C VAL P 22 -1.39 -21.55 3.01
N ASN P 23 -0.62 -21.11 2.02
CA ASN P 23 0.79 -21.50 1.91
C ASN P 23 1.57 -20.60 2.89
N PRO P 24 2.18 -21.16 3.95
CA PRO P 24 2.87 -20.35 4.94
C PRO P 24 4.14 -19.70 4.36
N GLY P 25 4.68 -20.27 3.26
CA GLY P 25 5.76 -19.63 2.49
C GLY P 25 5.35 -18.23 2.07
N THR P 26 4.11 -18.06 1.66
CA THR P 26 3.58 -16.75 1.24
C THR P 26 3.07 -15.98 2.45
N TRP P 27 2.37 -16.66 3.36
CA TRP P 27 1.47 -15.95 4.31
C TRP P 27 2.02 -15.87 5.73
N LEU P 28 3.03 -16.65 6.12
CA LEU P 28 3.44 -16.58 7.53
C LEU P 28 3.90 -15.16 7.85
N MET P 29 4.78 -14.55 7.05
CA MET P 29 5.32 -13.23 7.41
C MET P 29 4.19 -12.19 7.43
N PRO P 30 3.30 -12.14 6.41
CA PRO P 30 2.14 -11.26 6.47
C PRO P 30 1.29 -11.49 7.72
N ILE P 31 1.07 -12.74 8.12
CA ILE P 31 0.31 -13.03 9.37
C ILE P 31 1.02 -12.35 10.54
N LEU P 32 2.33 -12.57 10.67
CA LEU P 32 3.09 -12.03 11.82
C LEU P 32 3.11 -10.50 11.75
N MET P 33 3.21 -9.93 10.55
CA MET P 33 3.18 -8.46 10.39
C MET P 33 1.79 -7.94 10.79
N ALA P 34 0.73 -8.66 10.44
CA ALA P 34 -0.65 -8.26 10.80
C ALA P 34 -0.75 -8.22 12.34
N VAL P 35 -0.21 -9.23 13.00
CA VAL P 35 -0.26 -9.32 14.49
C VAL P 35 0.55 -8.16 15.08
N LEU P 36 1.70 -7.86 14.49
CA LEU P 36 2.56 -6.72 14.91
C LEU P 36 1.75 -5.43 14.80
N VAL P 37 1.04 -5.23 13.69
CA VAL P 37 0.22 -4.02 13.46
C VAL P 37 -0.80 -3.92 14.60
N VAL P 38 -1.45 -5.02 14.94
CA VAL P 38 -2.44 -5.04 16.06
C VAL P 38 -1.72 -4.57 17.33
N ALA P 39 -0.57 -5.15 17.65
CA ALA P 39 0.19 -4.78 18.87
C ALA P 39 0.52 -3.29 18.85
N LEU P 40 0.92 -2.76 17.70
CA LEU P 40 1.26 -1.31 17.57
C LEU P 40 0.01 -0.47 17.86
N VAL P 41 -1.11 -0.86 17.25
CA VAL P 41 -2.38 -0.09 17.39
C VAL P 41 -2.84 -0.17 18.84
N VAL P 42 -2.79 -1.35 19.46
CA VAL P 42 -3.20 -1.50 20.88
C VAL P 42 -2.31 -0.61 21.74
N HIS P 43 -0.99 -0.70 21.55
CA HIS P 43 -0.02 0.17 22.26
C HIS P 43 -0.37 1.64 22.02
N ALA P 44 -0.72 2.03 20.79
CA ALA P 44 -1.00 3.46 20.50
C ALA P 44 -2.14 3.93 21.40
N PHE P 45 -3.21 3.16 21.50
CA PHE P 45 -4.39 3.53 22.33
C PHE P 45 -3.99 3.57 23.81
N VAL P 46 -3.38 2.50 24.30
CA VAL P 46 -3.08 2.38 25.75
C VAL P 46 -1.98 3.39 26.12
N TYR P 47 -0.94 3.49 25.30
CA TYR P 47 0.23 4.36 25.59
C TYR P 47 -0.24 5.81 25.66
N SER P 48 -1.22 6.17 24.83
CA SER P 48 -1.75 7.54 24.74
C SER P 48 -2.31 7.96 26.10
N ASN P 49 -2.85 7.04 26.88
CA ASN P 49 -3.25 7.36 28.27
C ASN P 49 -1.97 7.55 29.10
N ASP P 50 -1.79 8.73 29.70
CA ASP P 50 -0.57 9.08 30.47
C ASP P 50 -0.40 8.13 31.67
N ASN P 51 -1.51 7.66 32.22
CA ASN P 51 -1.51 6.74 33.39
C ASN P 51 -0.87 5.40 33.04
N TYR P 52 -0.93 4.97 31.79
CA TYR P 52 -0.51 3.61 31.37
C TYR P 52 0.81 3.66 30.61
N ASN P 53 1.57 4.76 30.68
CA ASN P 53 2.87 4.73 29.95
C ASN P 53 4.01 4.97 30.94
N PRO P 54 5.21 4.41 30.67
CA PRO P 54 6.33 4.57 31.59
C PRO P 54 6.98 5.95 31.61
N LEU P 55 6.66 6.82 30.66
CA LEU P 55 7.35 8.14 30.53
C LEU P 55 6.91 9.00 31.71
N THR P 56 7.75 9.12 32.72
CA THR P 56 7.37 9.72 34.02
C THR P 56 8.21 10.96 34.30
N PHE P 57 9.31 11.15 33.58
CA PHE P 57 10.27 12.26 33.85
C PHE P 57 9.58 13.61 33.65
#